data_8XBH
#
_entry.id   8XBH
#
_cell.length_a   1.00
_cell.length_b   1.00
_cell.length_c   1.00
_cell.angle_alpha   90.00
_cell.angle_beta   90.00
_cell.angle_gamma   90.00
#
_symmetry.space_group_name_H-M   'P 1'
#
loop_
_entity.id
_entity.type
_entity.pdbx_description
1 polymer 'Guanine nucleotide-binding protein G(i) subunit alpha-1'
2 polymer 'Guanine nucleotide-binding protein G(I)/G(S)/G(T) subunit beta-1'
3 polymer 'Guanine nucleotide-binding protein G(I)/G(S)/G(O) subunit gamma-2'
4 polymer 'Probable G-protein coupled receptor 34'
5 polymer scFv16
6 non-polymer '(2~{S})-2-azanyl-3-[[(2~{R})-1-ethoxy-3-[3-[2-[(3-phenoxyphenyl)methoxy]phenyl]propanoyloxy]propan-2-yl]oxy-oxidanyl-phosphoryl]oxy-propanoic acid'
#
loop_
_entity_poly.entity_id
_entity_poly.type
_entity_poly.pdbx_seq_one_letter_code
_entity_poly.pdbx_strand_id
1 'polypeptide(L)'
;MGCTLSAEDKAAVERSKMIDRNLREDGEKAAREVKLLLLGAGESGKSTIVKQMKIIHEAGYSEEECKQYKAVVYSNTIQS
IIAIIRAMGRLKIDFGDSARADDARQLFVLAGAAEEGFMTAELAGVIKRLWKDSGVQACFNRSREYQLNDSAAYYLNDLD
RIAQPNYIPTQQDVLRTRVKTTGIVETHFTFKDLHFKMFDVGGQRSERKKWIHCFEGVTAIIFCVALSDYDLVLAEDEEM
NRMHESMKLFDSICNNKWFTDTSIILFLNKKDLFEEKIKKSPLTICYPEYAGSNTYEEAAAYIQCQFEDLNKRKDTKEIY
THFTCATDTKNVQFVFDAVTDVIIKNNLKDCGLF
;
A
2 'polypeptide(L)'
;GSQLQSELDQLRQEAEQLKNQIRDARKACADATLSQITNNIDPVGRIQMRTRRTLRGHLAKIYAMHWGTDSRLLVSASQD
GKLIIWDSYTTNKVHAIPLRSSWVMTCAYAPSGNYVACGGLDNICSIYNLKTREGNVRVSRELAGHTGYLSCCRFLDDNQ
IVTSSGDTTCALWDIETGQQTTTFTGHTGDVMSLSLAPDTRLFVSGACDASAKLWDVREGMCRQTFTGHESDINAICFFP
NGNAFATGSDDATCRLFDLRADQELMTYSHDNIICGITSVSFSKSGRLLLAGYDDFNCNVWDALKADRAGVLAGHDNRVS
CLGVTDDGMAVATGSWDSFLKIWN
;
B
3 'polypeptide(L)' MASNNTASIAQARKLVEQLKMEANIDRIKVSKAAADLMAYCEAHAKEDPLLTPVPASENPFREKKFFC G
4 'polypeptide(L)'
;DYKDDDDAMGRSHTITMTTTSVSSWPYSSHRMRFITNHSDQPPQNFSATPNVTTCPMDEKLLSTVLTTSYSVIFIVGLVG
NIIALYVFLGIHRKRNSIQIYLLNVAIADLLLIFCLPFRIMYHINQNKWTLGVILCKVVGTLFYMNMYISIILLGFISLD
RYIKINRSIQQRKAITTKQSIYVCCIVWMLALGGFLTMIILTLKKGGHNSTMCFHYRDKHNAKGEAIFNFILVVMFWLIF
LLIILSYIKIGKNLLRISKRRSKFPNSGKYATTARNSFIVLIIFTICFVPYHAFRFIYISSQLNVSSCYWKEIVHKTNEI
MLVLSSFNSCLDPVMYFLMSSNIRKIMCQLLFRRFQGEPSRSESTSEFKPGYSLHDTSVAVKIQSSSKSTENLYFQ
;
R
5 'polypeptide(L)'
;DVQLVESGGGLVQPGGSRKLSCSASGFAFSSFGMHWVRQAPEKGLEWVAYISSGSGTIYYADTVKGRFTISRDDPKNTLF
LQMTSLRSEDTAMYYCVRSIYYYGSSPFDFWGQGTTLTVSSGGGGSGGGGSGGGGSDIVMTQATSSVPVTPGESVSISCR
SSKSLLHSNGNTYLYWFLQRPGQSPQLLIYRMSNLASGVPDRFSGSGSGTAFTLTISRLEAEDVGVYYCMQHLEYPLTFG
AGTKLELKAAAASSEDLYFQ
;
S
#
loop_
_chem_comp.id
_chem_comp.type
_chem_comp.name
_chem_comp.formula
KW3 non-polymer '(2~{S})-2-azanyl-3-[[(2~{R})-1-ethoxy-3-[3-[2-[(3-phenoxyphenyl)methoxy]phenyl]propanoyloxy]propan-2-yl]oxy-oxidanyl-phosphoryl]oxy-propanoic acid' 'C30 H36 N O11 P'
#
# COMPACT_ATOMS: atom_id res chain seq x y z
N SER A 6 -5.41 -8.83 -28.55
CA SER A 6 -4.67 -8.04 -27.57
C SER A 6 -5.24 -6.63 -27.46
N ALA A 7 -6.18 -6.30 -28.34
CA ALA A 7 -6.84 -4.99 -28.26
C ALA A 7 -7.66 -4.88 -26.98
N GLU A 8 -8.37 -5.95 -26.63
CA GLU A 8 -9.10 -5.96 -25.36
C GLU A 8 -8.16 -5.85 -24.18
N ASP A 9 -7.04 -6.57 -24.23
CA ASP A 9 -6.00 -6.42 -23.21
C ASP A 9 -5.40 -5.03 -23.20
N LYS A 10 -5.20 -4.42 -24.36
CA LYS A 10 -4.67 -3.06 -24.44
C LYS A 10 -5.63 -2.04 -23.84
N ALA A 11 -6.94 -2.27 -23.95
CA ALA A 11 -7.90 -1.40 -23.27
C ALA A 11 -7.98 -1.70 -21.78
N ALA A 12 -7.81 -2.96 -21.38
CA ALA A 12 -7.81 -3.30 -19.97
C ALA A 12 -6.64 -2.68 -19.23
N VAL A 13 -5.46 -2.66 -19.86
CA VAL A 13 -4.30 -2.03 -19.24
C VAL A 13 -4.55 -0.54 -19.06
N GLU A 14 -5.17 0.11 -20.04
CA GLU A 14 -5.49 1.52 -19.91
C GLU A 14 -6.49 1.77 -18.79
N ARG A 15 -7.50 0.91 -18.66
CA ARG A 15 -8.46 1.05 -17.57
C ARG A 15 -7.78 0.89 -16.23
N SER A 16 -6.88 -0.08 -16.11
CA SER A 16 -6.15 -0.26 -14.86
C SER A 16 -5.26 0.94 -14.56
N LYS A 17 -4.65 1.54 -15.59
CA LYS A 17 -3.84 2.73 -15.39
C LYS A 17 -4.68 3.90 -14.89
N MET A 18 -5.88 4.07 -15.46
CA MET A 18 -6.77 5.12 -14.97
C MET A 18 -7.18 4.87 -13.52
N ILE A 19 -7.48 3.61 -13.19
CA ILE A 19 -7.83 3.26 -11.82
C ILE A 19 -6.67 3.59 -10.88
N ASP A 20 -5.45 3.26 -11.31
CA ASP A 20 -4.28 3.50 -10.47
C ASP A 20 -4.02 4.98 -10.28
N ARG A 21 -4.26 5.79 -11.30
CA ARG A 21 -4.07 7.23 -11.13
C ARG A 21 -5.12 7.82 -10.20
N ASN A 22 -6.36 7.32 -10.27
CA ASN A 22 -7.36 7.76 -9.29
C ASN A 22 -6.96 7.33 -7.88
N LEU A 23 -6.39 6.15 -7.74
CA LEU A 23 -5.92 5.70 -6.42
C LEU A 23 -4.80 6.60 -5.91
N ARG A 24 -3.88 6.99 -6.79
CA ARG A 24 -2.81 7.91 -6.40
C ARG A 24 -3.38 9.24 -5.94
N GLU A 25 -4.36 9.77 -6.67
CA GLU A 25 -4.99 11.02 -6.27
C GLU A 25 -5.68 10.89 -4.92
N ASP A 26 -6.38 9.79 -4.69
CA ASP A 26 -7.05 9.56 -3.42
C ASP A 26 -6.04 9.47 -2.28
N GLY A 27 -4.92 8.79 -2.50
CA GLY A 27 -3.89 8.72 -1.48
C GLY A 27 -3.28 10.07 -1.18
N GLU A 28 -3.04 10.87 -2.22
CA GLU A 28 -2.52 12.22 -2.02
C GLU A 28 -3.48 13.06 -1.18
N LYS A 29 -4.79 12.94 -1.45
CA LYS A 29 -5.77 13.67 -0.67
C LYS A 29 -5.81 13.17 0.77
N ALA A 30 -5.72 11.85 0.96
CA ALA A 30 -5.88 11.27 2.30
C ALA A 30 -4.64 11.50 3.17
N ALA A 31 -3.48 11.70 2.56
CA ALA A 31 -2.27 11.94 3.34
C ALA A 31 -2.20 13.38 3.87
N ARG A 32 -3.11 14.24 3.43
CA ARG A 32 -3.10 15.66 3.77
C ARG A 32 -4.10 16.01 4.87
N GLU A 33 -4.45 15.06 5.73
CA GLU A 33 -5.45 15.27 6.76
C GLU A 33 -4.94 14.74 8.08
N VAL A 34 -5.44 15.33 9.17
CA VAL A 34 -4.99 15.03 10.53
C VAL A 34 -5.90 13.97 11.13
N LYS A 35 -5.30 12.99 11.79
CA LYS A 35 -6.02 11.88 12.39
C LYS A 35 -5.87 11.93 13.91
N LEU A 36 -6.99 11.97 14.61
CA LEU A 36 -7.01 12.02 16.06
C LEU A 36 -7.81 10.84 16.59
N LEU A 37 -7.30 10.22 17.64
CA LEU A 37 -7.97 9.10 18.29
C LEU A 37 -8.45 9.56 19.66
N LEU A 38 -9.78 9.64 19.84
CA LEU A 38 -10.36 10.14 21.07
C LEU A 38 -10.52 8.98 22.06
N LEU A 39 -9.93 9.13 23.24
CA LEU A 39 -9.96 8.10 24.28
C LEU A 39 -10.34 8.73 25.61
N GLY A 40 -10.86 7.89 26.50
CA GLY A 40 -11.30 8.35 27.80
C GLY A 40 -11.87 7.20 28.60
N ALA A 41 -12.37 7.54 29.79
CA ALA A 41 -12.91 6.56 30.72
C ALA A 41 -14.43 6.52 30.71
N GLY A 42 -15.08 7.14 29.73
CA GLY A 42 -16.53 7.13 29.66
C GLY A 42 -17.15 8.28 30.43
N GLU A 43 -16.93 8.31 31.75
CA GLU A 43 -17.41 9.39 32.59
C GLU A 43 -16.50 10.61 32.55
N SER A 44 -15.63 10.70 31.55
CA SER A 44 -14.71 11.81 31.40
C SER A 44 -15.27 12.94 30.55
N GLY A 45 -16.52 12.82 30.11
CA GLY A 45 -17.15 13.89 29.34
C GLY A 45 -16.54 14.13 27.97
N LYS A 46 -16.22 13.05 27.25
CA LYS A 46 -15.76 13.19 25.88
C LYS A 46 -16.83 13.77 24.96
N SER A 47 -18.10 13.56 25.30
CA SER A 47 -19.19 14.12 24.51
C SER A 47 -19.12 15.64 24.47
N THR A 48 -18.70 16.26 25.57
CA THR A 48 -18.52 17.71 25.58
C THR A 48 -17.44 18.13 24.59
N ILE A 49 -16.33 17.38 24.52
CA ILE A 49 -15.28 17.68 23.55
C ILE A 49 -15.80 17.52 22.13
N VAL A 50 -16.55 16.45 21.88
CA VAL A 50 -17.10 16.23 20.55
C VAL A 50 -18.02 17.37 20.15
N LYS A 51 -18.86 17.83 21.09
CA LYS A 51 -19.73 18.96 20.81
C LYS A 51 -18.94 20.24 20.56
N GLN A 52 -17.87 20.47 21.33
CA GLN A 52 -17.06 21.67 21.17
C GLN A 52 -16.29 21.67 19.86
N MET A 53 -15.98 20.48 19.32
CA MET A 53 -15.32 20.41 18.01
C MET A 53 -16.19 21.00 16.91
N LYS A 54 -17.49 20.72 16.94
CA LYS A 54 -18.42 21.35 16.01
C LYS A 54 -18.69 22.79 16.42
N THR A 182 -23.45 2.66 16.26
CA THR A 182 -22.52 2.21 17.27
C THR A 182 -21.20 1.75 16.66
N GLY A 183 -20.23 1.46 17.52
CA GLY A 183 -18.92 1.03 17.07
C GLY A 183 -17.90 2.15 17.07
N ILE A 184 -17.52 2.61 15.88
CA ILE A 184 -16.60 3.73 15.71
C ILE A 184 -17.39 4.89 15.14
N VAL A 185 -17.17 6.08 15.72
CA VAL A 185 -17.84 7.30 15.28
C VAL A 185 -16.80 8.28 14.79
N GLU A 186 -16.93 8.71 13.54
CA GLU A 186 -15.99 9.63 12.93
C GLU A 186 -16.57 11.03 12.92
N THR A 187 -15.77 12.01 13.35
CA THR A 187 -16.15 13.41 13.33
C THR A 187 -15.18 14.16 12.44
N HIS A 188 -15.70 14.83 11.43
CA HIS A 188 -14.88 15.57 10.47
C HIS A 188 -15.09 17.06 10.70
N PHE A 189 -14.00 17.81 10.81
CA PHE A 189 -14.14 19.26 10.92
C PHE A 189 -12.91 19.96 10.39
N THR A 190 -13.12 21.16 9.86
CA THR A 190 -12.05 21.97 9.29
C THR A 190 -11.78 23.18 10.17
N PHE A 191 -10.50 23.45 10.41
CA PHE A 191 -10.08 24.56 11.26
C PHE A 191 -8.80 25.15 10.69
N LYS A 192 -8.84 26.45 10.36
CA LYS A 192 -7.69 27.17 9.81
C LYS A 192 -7.08 26.42 8.62
N ASP A 193 -7.97 26.02 7.70
CA ASP A 193 -7.58 25.31 6.48
C ASP A 193 -6.84 24.01 6.79
N LEU A 194 -7.20 23.35 7.89
CA LEU A 194 -6.66 22.05 8.24
C LEU A 194 -7.80 21.11 8.55
N HIS A 195 -7.77 19.91 7.97
CA HIS A 195 -8.86 18.95 8.07
C HIS A 195 -8.56 17.95 9.17
N PHE A 196 -9.56 17.70 10.03
CA PHE A 196 -9.42 16.83 11.18
C PHE A 196 -10.46 15.72 11.11
N LYS A 197 -10.00 14.48 11.25
CA LYS A 197 -10.85 13.31 11.43
C LYS A 197 -10.58 12.76 12.81
N MET A 198 -11.58 12.83 13.69
CA MET A 198 -11.46 12.38 15.06
C MET A 198 -12.31 11.13 15.23
N PHE A 199 -11.67 10.05 15.66
CA PHE A 199 -12.32 8.74 15.76
C PHE A 199 -12.60 8.44 17.23
N ASP A 200 -13.87 8.30 17.57
CA ASP A 200 -14.29 7.92 18.91
C ASP A 200 -14.64 6.44 18.90
N VAL A 201 -14.00 5.67 19.77
CA VAL A 201 -14.17 4.23 19.83
C VAL A 201 -14.71 3.83 21.20
N GLY A 202 -15.43 4.75 21.84
CA GLY A 202 -15.97 4.46 23.16
C GLY A 202 -17.11 3.46 23.14
N GLY A 203 -17.77 3.30 21.99
CA GLY A 203 -18.90 2.40 21.87
C GLY A 203 -18.53 1.07 21.23
N GLN A 204 -17.29 0.61 21.43
CA GLN A 204 -16.86 -0.66 20.89
C GLN A 204 -17.13 -1.81 21.85
N ARG A 205 -16.81 -1.63 23.13
CA ARG A 205 -17.07 -2.62 24.18
C ARG A 205 -16.42 -3.97 23.85
N SER A 206 -15.23 -3.91 23.25
CA SER A 206 -14.48 -5.10 22.89
C SER A 206 -13.04 -4.95 23.35
N GLU A 207 -12.29 -6.04 23.29
CA GLU A 207 -10.89 -6.01 23.69
C GLU A 207 -10.09 -5.14 22.74
N ARG A 208 -9.46 -4.09 23.29
CA ARG A 208 -8.69 -3.16 22.48
C ARG A 208 -7.47 -3.82 21.85
N LYS A 209 -6.99 -4.94 22.41
CA LYS A 209 -5.80 -5.58 21.88
C LYS A 209 -5.96 -6.04 20.45
N LYS A 210 -7.19 -6.18 19.97
CA LYS A 210 -7.45 -6.72 18.64
C LYS A 210 -7.58 -5.67 17.56
N TRP A 211 -7.91 -4.42 17.92
CA TRP A 211 -8.15 -3.39 16.93
C TRP A 211 -7.45 -2.07 17.21
N ILE A 212 -6.66 -1.96 18.29
CA ILE A 212 -6.00 -0.70 18.56
C ILE A 212 -4.87 -0.45 17.55
N HIS A 213 -4.24 -1.51 17.05
CA HIS A 213 -3.17 -1.34 16.07
C HIS A 213 -3.71 -0.71 14.79
N CYS A 214 -5.02 -0.77 14.56
CA CYS A 214 -5.61 -0.13 13.40
C CYS A 214 -5.41 1.38 13.42
N PHE A 215 -5.11 1.96 14.58
CA PHE A 215 -4.90 3.39 14.70
C PHE A 215 -3.44 3.78 14.75
N GLU A 216 -2.54 2.83 14.50
CA GLU A 216 -1.12 3.16 14.37
C GLU A 216 -0.92 4.05 13.15
N GLY A 217 -0.61 5.32 13.37
CA GLY A 217 -0.46 6.25 12.27
C GLY A 217 -1.32 7.48 12.42
N VAL A 218 -2.15 7.52 13.48
CA VAL A 218 -2.91 8.73 13.77
C VAL A 218 -1.96 9.83 14.18
N THR A 219 -2.33 11.07 13.84
CA THR A 219 -1.49 12.21 14.20
C THR A 219 -1.40 12.36 15.71
N ALA A 220 -2.53 12.22 16.40
CA ALA A 220 -2.52 12.45 17.84
C ALA A 220 -3.58 11.60 18.54
N ILE A 221 -3.39 11.44 19.85
CA ILE A 221 -4.36 10.75 20.69
C ILE A 221 -4.90 11.78 21.67
N ILE A 222 -6.19 12.11 21.56
CA ILE A 222 -6.83 13.06 22.45
C ILE A 222 -7.44 12.29 23.61
N PHE A 223 -6.81 12.39 24.78
CA PHE A 223 -7.26 11.72 25.98
C PHE A 223 -8.07 12.69 26.83
N CYS A 224 -9.19 12.22 27.38
CA CYS A 224 -10.04 13.04 28.24
C CYS A 224 -10.08 12.44 29.63
N VAL A 225 -9.92 13.28 30.65
CA VAL A 225 -9.97 12.85 32.04
C VAL A 225 -10.78 13.86 32.83
N ALA A 226 -11.72 13.37 33.64
CA ALA A 226 -12.51 14.24 34.50
C ALA A 226 -11.79 14.48 35.81
N LEU A 227 -11.85 15.72 36.29
CA LEU A 227 -11.22 16.05 37.57
C LEU A 227 -12.21 15.95 38.73
N SER A 228 -13.51 15.86 38.44
CA SER A 228 -14.49 15.81 39.51
C SER A 228 -14.53 14.43 40.16
N ASP A 229 -14.20 13.37 39.43
CA ASP A 229 -14.31 12.01 39.94
C ASP A 229 -13.08 11.55 40.70
N TYR A 230 -12.30 12.47 41.25
CA TYR A 230 -11.16 12.08 42.07
C TYR A 230 -11.61 11.38 43.35
N ASP A 231 -12.81 11.71 43.84
CA ASP A 231 -13.34 11.09 45.05
C ASP A 231 -14.41 10.05 44.77
N LEU A 232 -15.22 10.23 43.72
CA LEU A 232 -16.27 9.28 43.40
C LEU A 232 -15.68 7.94 42.97
N VAL A 233 -16.40 6.87 43.28
CA VAL A 233 -15.96 5.52 42.95
C VAL A 233 -16.91 4.92 41.92
N LEU A 234 -16.43 3.92 41.19
CA LEU A 234 -17.22 3.28 40.15
C LEU A 234 -18.30 2.39 40.75
N GLU A 239 -15.28 -0.25 45.61
CA GLU A 239 -14.14 -0.92 45.01
C GLU A 239 -12.98 0.04 44.83
N MET A 240 -12.92 0.69 43.66
CA MET A 240 -11.85 1.61 43.32
C MET A 240 -12.45 2.89 42.74
N ASN A 241 -11.82 4.02 43.03
CA ASN A 241 -12.31 5.29 42.52
C ASN A 241 -12.01 5.44 41.03
N ARG A 242 -12.75 6.32 40.38
CA ARG A 242 -12.65 6.47 38.93
C ARG A 242 -11.35 7.16 38.51
N MET A 243 -10.74 7.93 39.42
CA MET A 243 -9.51 8.62 39.07
C MET A 243 -8.38 7.64 38.79
N HIS A 244 -8.25 6.59 39.61
CA HIS A 244 -7.27 5.55 39.31
C HIS A 244 -7.63 4.79 38.04
N GLU A 245 -8.91 4.60 37.74
CA GLU A 245 -9.31 4.05 36.46
C GLU A 245 -8.74 4.88 35.31
N SER A 246 -8.93 6.20 35.37
CA SER A 246 -8.42 7.07 34.32
C SER A 246 -6.90 7.06 34.25
N MET A 247 -6.23 7.07 35.41
CA MET A 247 -4.77 7.10 35.41
C MET A 247 -4.18 5.82 34.83
N LYS A 248 -4.76 4.66 35.18
CA LYS A 248 -4.19 3.41 34.67
C LYS A 248 -4.55 3.21 33.21
N LEU A 249 -5.72 3.71 32.78
CA LEU A 249 -6.03 3.72 31.36
C LEU A 249 -5.02 4.57 30.59
N PHE A 250 -4.68 5.75 31.13
CA PHE A 250 -3.70 6.62 30.48
C PHE A 250 -2.34 5.96 30.44
N ASP A 251 -1.94 5.29 31.51
CA ASP A 251 -0.67 4.58 31.52
C ASP A 251 -0.65 3.46 30.48
N SER A 252 -1.76 2.74 30.36
CA SER A 252 -1.83 1.66 29.38
C SER A 252 -1.75 2.19 27.95
N ILE A 253 -2.45 3.28 27.66
CA ILE A 253 -2.46 3.81 26.29
C ILE A 253 -1.12 4.44 25.95
N CYS A 254 -0.57 5.24 26.86
CA CYS A 254 0.66 5.97 26.57
C CYS A 254 1.83 5.03 26.33
N ASN A 255 1.84 3.87 26.98
CA ASN A 255 2.92 2.91 26.87
C ASN A 255 2.60 1.77 25.91
N ASN A 256 1.56 1.92 25.09
CA ASN A 256 1.20 0.88 24.13
C ASN A 256 2.29 0.74 23.08
N LYS A 257 2.52 -0.49 22.63
CA LYS A 257 3.58 -0.75 21.66
C LYS A 257 3.27 -0.10 20.31
N TRP A 258 2.00 0.02 19.96
CA TRP A 258 1.63 0.68 18.71
C TRP A 258 1.69 2.20 18.83
N PHE A 259 1.86 2.72 20.04
CA PHE A 259 1.87 4.15 20.30
C PHE A 259 3.20 4.49 20.97
N THR A 260 4.21 4.76 20.17
CA THR A 260 5.51 5.20 20.65
C THR A 260 5.93 6.55 20.13
N ASP A 261 5.63 6.85 18.86
CA ASP A 261 5.97 8.12 18.24
C ASP A 261 4.77 9.07 18.17
N THR A 262 3.65 8.70 18.76
CA THR A 262 2.43 9.49 18.69
C THR A 262 2.27 10.29 19.98
N SER A 263 1.87 11.55 19.82
CA SER A 263 1.71 12.44 20.95
C SER A 263 0.28 12.38 21.49
N ILE A 264 0.13 12.77 22.74
CA ILE A 264 -1.15 12.71 23.45
C ILE A 264 -1.53 14.11 23.90
N ILE A 265 -2.71 14.55 23.48
CA ILE A 265 -3.30 15.81 23.92
C ILE A 265 -4.23 15.48 25.08
N LEU A 266 -3.86 15.90 26.28
CA LEU A 266 -4.60 15.54 27.48
C LEU A 266 -5.54 16.69 27.85
N PHE A 267 -6.81 16.35 28.08
CA PHE A 267 -7.84 17.32 28.45
C PHE A 267 -8.32 17.00 29.85
N LEU A 268 -8.45 18.04 30.68
CA LEU A 268 -8.93 17.92 32.05
C LEU A 268 -10.28 18.61 32.16
N ASN A 269 -11.33 17.82 32.30
CA ASN A 269 -12.71 18.31 32.30
C ASN A 269 -13.15 18.69 33.72
N LYS A 270 -14.35 19.26 33.80
CA LYS A 270 -15.01 19.58 35.06
C LYS A 270 -14.13 20.46 35.94
N LYS A 271 -13.60 21.52 35.33
CA LYS A 271 -12.71 22.44 36.04
C LYS A 271 -13.43 23.13 37.19
N ASP A 272 -14.58 23.75 36.90
CA ASP A 272 -15.32 24.45 37.94
C ASP A 272 -15.85 23.50 39.01
N LEU A 273 -16.35 22.34 38.59
CA LEU A 273 -16.86 21.37 39.56
C LEU A 273 -15.75 20.85 40.46
N PHE A 274 -14.58 20.59 39.89
CA PHE A 274 -13.44 20.17 40.71
C PHE A 274 -13.00 21.27 41.66
N GLU A 275 -12.97 22.52 41.19
CA GLU A 275 -12.60 23.63 42.07
C GLU A 275 -13.57 23.76 43.24
N GLU A 276 -14.87 23.63 42.96
CA GLU A 276 -15.88 23.76 44.00
C GLU A 276 -15.89 22.56 44.95
N LYS A 277 -15.56 21.36 44.47
CA LYS A 277 -15.68 20.17 45.29
C LYS A 277 -14.60 20.10 46.35
N ILE A 278 -13.36 20.48 46.01
CA ILE A 278 -12.25 20.34 46.92
C ILE A 278 -12.35 21.28 48.12
N LYS A 279 -13.27 22.23 48.09
CA LYS A 279 -13.48 23.09 49.25
C LYS A 279 -14.01 22.32 50.45
N LYS A 280 -14.63 21.17 50.23
CA LYS A 280 -15.14 20.33 51.31
C LYS A 280 -14.54 18.93 51.34
N SER A 281 -13.98 18.45 50.24
CA SER A 281 -13.39 17.11 50.18
C SER A 281 -11.91 17.25 49.88
N PRO A 282 -11.01 16.87 50.78
CA PRO A 282 -9.59 16.99 50.51
C PRO A 282 -9.13 16.00 49.44
N LEU A 283 -8.07 16.39 48.73
CA LEU A 283 -7.46 15.52 47.73
C LEU A 283 -6.75 14.33 48.35
N THR A 284 -6.56 14.33 49.67
CA THR A 284 -5.88 13.21 50.34
C THR A 284 -6.66 11.91 50.18
N ILE A 285 -7.98 12.00 49.98
CA ILE A 285 -8.80 10.80 49.79
C ILE A 285 -8.31 10.02 48.58
N CYS A 286 -7.96 10.71 47.49
CA CYS A 286 -7.43 10.07 46.30
C CYS A 286 -5.95 9.75 46.46
N TYR A 287 -5.13 10.78 46.68
CA TYR A 287 -3.69 10.59 46.81
C TYR A 287 -3.29 10.73 48.27
N PRO A 288 -2.86 9.65 48.94
CA PRO A 288 -2.47 9.76 50.34
C PRO A 288 -1.08 10.36 50.56
N GLU A 289 -0.26 10.43 49.52
CA GLU A 289 1.07 11.02 49.62
C GLU A 289 1.08 12.51 49.31
N TYR A 290 -0.04 13.06 48.86
CA TYR A 290 -0.11 14.48 48.55
C TYR A 290 0.05 15.32 49.82
N ALA A 291 0.78 16.42 49.70
CA ALA A 291 0.99 17.35 50.81
C ALA A 291 0.89 18.77 50.26
N GLY A 292 -0.25 19.41 50.48
CA GLY A 292 -0.46 20.77 50.01
C GLY A 292 -1.82 21.30 50.35
N SER A 293 -2.02 22.61 50.19
CA SER A 293 -3.30 23.23 50.50
C SER A 293 -4.36 22.78 49.51
N ASN A 294 -5.60 22.64 49.99
CA ASN A 294 -6.72 22.19 49.16
C ASN A 294 -7.27 23.38 48.36
N THR A 295 -6.42 23.88 47.46
CA THR A 295 -6.78 24.91 46.51
C THR A 295 -6.82 24.32 45.11
N TYR A 296 -7.49 25.03 44.19
CA TYR A 296 -7.62 24.54 42.83
C TYR A 296 -6.27 24.43 42.15
N GLU A 297 -5.44 25.47 42.25
CA GLU A 297 -4.22 25.51 41.47
C GLU A 297 -3.23 24.42 41.89
N GLU A 298 -2.98 24.29 43.18
CA GLU A 298 -1.99 23.31 43.64
C GLU A 298 -2.47 21.88 43.36
N ALA A 299 -3.73 21.58 43.64
CA ALA A 299 -4.25 20.25 43.39
C ALA A 299 -4.26 19.91 41.89
N ALA A 300 -4.65 20.88 41.06
CA ALA A 300 -4.65 20.65 39.62
C ALA A 300 -3.25 20.44 39.10
N ALA A 301 -2.27 21.22 39.58
CA ALA A 301 -0.89 21.02 39.17
C ALA A 301 -0.37 19.66 39.61
N TYR A 302 -0.72 19.24 40.82
CA TYR A 302 -0.32 17.91 41.28
C TYR A 302 -0.92 16.82 40.40
N ILE A 303 -2.19 16.95 40.05
CA ILE A 303 -2.84 15.96 39.21
C ILE A 303 -2.18 15.90 37.83
N GLN A 304 -1.90 17.07 37.26
CA GLN A 304 -1.23 17.11 35.96
C GLN A 304 0.16 16.46 36.04
N CYS A 305 0.91 16.73 37.10
CA CYS A 305 2.22 16.12 37.24
C CYS A 305 2.12 14.61 37.43
N GLN A 306 1.11 14.16 38.18
CA GLN A 306 0.91 12.72 38.36
C GLN A 306 0.60 12.05 37.03
N PHE A 307 -0.21 12.70 36.19
CA PHE A 307 -0.46 12.16 34.85
C PHE A 307 0.81 12.19 34.00
N GLU A 308 1.62 13.24 34.15
CA GLU A 308 2.87 13.34 33.39
C GLU A 308 3.83 12.22 33.72
N ASP A 309 3.97 11.88 35.01
CA ASP A 309 4.92 10.86 35.42
C ASP A 309 4.59 9.48 34.87
N LEU A 310 3.36 9.26 34.41
CA LEU A 310 3.01 7.97 33.81
C LEU A 310 3.74 7.73 32.49
N ASN A 311 4.19 8.79 31.82
CA ASN A 311 4.94 8.63 30.58
C ASN A 311 6.31 8.02 30.86
N LYS A 312 6.68 7.02 30.07
CA LYS A 312 7.98 6.40 30.17
C LYS A 312 8.88 6.67 28.97
N ARG A 313 8.32 7.06 27.84
CA ARG A 313 9.10 7.52 26.70
C ARG A 313 9.14 9.05 26.71
N LYS A 314 9.84 9.58 27.71
CA LYS A 314 9.87 11.02 27.93
C LYS A 314 10.54 11.77 26.78
N ASP A 315 11.40 11.10 26.01
CA ASP A 315 12.09 11.73 24.89
C ASP A 315 11.51 11.34 23.54
N THR A 316 10.80 10.22 23.47
CA THR A 316 10.22 9.79 22.20
C THR A 316 8.91 10.53 21.91
N LYS A 317 7.93 10.39 22.78
CA LYS A 317 6.64 11.06 22.65
C LYS A 317 6.51 12.14 23.72
N GLU A 318 5.45 12.95 23.59
CA GLU A 318 5.23 14.08 24.46
C GLU A 318 3.76 14.16 24.84
N ILE A 319 3.50 14.66 26.05
CA ILE A 319 2.15 14.75 26.60
C ILE A 319 1.77 16.23 26.62
N TYR A 320 0.57 16.53 26.13
CA TYR A 320 0.12 17.90 25.95
C TYR A 320 -1.11 18.12 26.82
N THR A 321 -0.93 18.81 27.93
CA THR A 321 -1.99 18.97 28.92
C THR A 321 -2.75 20.28 28.70
N HIS A 322 -4.06 20.23 28.87
CA HIS A 322 -4.91 21.40 28.80
C HIS A 322 -6.01 21.27 29.83
N PHE A 323 -6.54 22.41 30.27
CA PHE A 323 -7.70 22.46 31.15
C PHE A 323 -8.87 23.01 30.34
N THR A 324 -9.94 22.22 30.26
CA THR A 324 -11.02 22.51 29.33
C THR A 324 -11.81 23.74 29.76
N CYS A 325 -12.16 24.57 28.78
CA CYS A 325 -12.94 25.78 28.99
C CYS A 325 -14.27 25.67 28.24
N ALA A 326 -15.30 26.33 28.78
CA ALA A 326 -16.64 26.21 28.22
C ALA A 326 -16.94 27.33 27.22
N THR A 327 -16.88 28.58 27.66
CA THR A 327 -17.28 29.71 26.84
C THR A 327 -16.13 30.36 26.08
N ASP A 328 -14.89 29.94 26.33
CA ASP A 328 -13.75 30.56 25.66
C ASP A 328 -13.55 30.08 24.23
N THR A 329 -14.06 28.89 23.90
CA THR A 329 -13.87 28.27 22.58
C THR A 329 -12.38 28.22 22.24
N LYS A 330 -11.60 27.63 23.15
CA LYS A 330 -10.16 27.53 22.99
C LYS A 330 -9.67 26.10 22.87
N ASN A 331 -10.53 25.10 23.12
CA ASN A 331 -10.10 23.71 23.04
C ASN A 331 -9.67 23.34 21.62
N VAL A 332 -10.46 23.76 20.62
CA VAL A 332 -10.10 23.48 19.24
C VAL A 332 -8.79 24.17 18.88
N GLN A 333 -8.58 25.39 19.37
CA GLN A 333 -7.31 26.07 19.14
C GLN A 333 -6.15 25.32 19.77
N PHE A 334 -6.34 24.76 20.96
CA PHE A 334 -5.28 23.97 21.58
C PHE A 334 -4.98 22.73 20.77
N VAL A 335 -6.01 22.05 20.26
CA VAL A 335 -5.79 20.87 19.44
C VAL A 335 -5.04 21.25 18.17
N PHE A 336 -5.41 22.37 17.55
CA PHE A 336 -4.73 22.81 16.33
C PHE A 336 -3.26 23.12 16.62
N ASP A 337 -2.99 23.82 17.71
CA ASP A 337 -1.60 24.12 18.08
C ASP A 337 -0.82 22.85 18.32
N ALA A 338 -1.42 21.88 19.02
CA ALA A 338 -0.73 20.63 19.32
C ALA A 338 -0.42 19.84 18.05
N VAL A 339 -1.39 19.73 17.15
CA VAL A 339 -1.14 18.95 15.93
C VAL A 339 -0.12 19.67 15.04
N THR A 340 -0.16 21.01 15.02
CA THR A 340 0.84 21.76 14.26
C THR A 340 2.23 21.51 14.81
N ASP A 341 2.38 21.50 16.13
CA ASP A 341 3.67 21.22 16.74
C ASP A 341 4.12 19.80 16.41
N VAL A 342 3.18 18.84 16.40
CA VAL A 342 3.54 17.47 16.07
C VAL A 342 4.05 17.38 14.63
N ILE A 343 3.37 18.04 13.69
CA ILE A 343 3.81 18.02 12.30
C ILE A 343 5.18 18.66 12.15
N ILE A 344 5.40 19.79 12.83
CA ILE A 344 6.71 20.46 12.76
C ILE A 344 7.79 19.55 13.33
N LYS A 345 7.50 18.87 14.44
CA LYS A 345 8.48 17.97 15.04
C LYS A 345 8.81 16.81 14.10
N ASN A 346 7.81 16.25 13.42
CA ASN A 346 8.09 15.17 12.46
C ASN A 346 8.94 15.68 11.31
N ASN A 347 8.63 16.87 10.79
CA ASN A 347 9.44 17.43 9.71
C ASN A 347 10.89 17.62 10.15
N LEU A 348 11.09 18.15 11.36
CA LEU A 348 12.44 18.36 11.87
C LEU A 348 13.17 17.04 12.08
N LYS A 349 12.47 16.02 12.59
CA LYS A 349 13.09 14.71 12.72
C LYS A 349 13.48 14.15 11.36
N ASP A 350 12.71 14.49 10.32
CA ASP A 350 13.05 14.04 8.98
C ASP A 350 14.29 14.76 8.44
N CYS A 351 14.39 16.08 8.65
CA CYS A 351 15.39 16.86 7.94
C CYS A 351 16.81 16.45 8.31
N GLY A 352 17.06 16.18 9.60
CA GLY A 352 18.37 15.76 10.05
C GLY A 352 19.15 16.80 10.83
N LEU A 353 18.74 18.08 10.78
CA LEU A 353 19.38 19.09 11.62
C LEU A 353 18.99 18.91 13.07
N PHE A 354 17.73 18.56 13.33
CA PHE A 354 17.23 18.38 14.68
C PHE A 354 17.54 16.97 15.20
N ASP B 9 -22.63 -24.81 45.22
CA ASP B 9 -23.06 -24.60 43.83
C ASP B 9 -23.32 -25.93 43.14
N GLN B 10 -24.29 -25.93 42.21
CA GLN B 10 -24.67 -27.12 41.48
C GLN B 10 -24.30 -27.05 40.01
N LEU B 11 -24.60 -25.94 39.34
CA LEU B 11 -24.28 -25.80 37.93
C LEU B 11 -22.78 -25.82 37.67
N ARG B 12 -21.99 -25.17 38.53
CA ARG B 12 -20.54 -25.18 38.36
C ARG B 12 -19.99 -26.59 38.50
N GLN B 13 -20.42 -27.33 39.53
CA GLN B 13 -19.95 -28.69 39.71
C GLN B 13 -20.38 -29.59 38.55
N GLU B 14 -21.61 -29.44 38.08
CA GLU B 14 -22.08 -30.25 36.97
C GLU B 14 -21.28 -29.98 35.70
N ALA B 15 -21.04 -28.70 35.39
CA ALA B 15 -20.23 -28.37 34.22
C ALA B 15 -18.81 -28.91 34.37
N GLU B 16 -18.22 -28.77 35.56
CA GLU B 16 -16.86 -29.25 35.79
C GLU B 16 -16.77 -30.76 35.59
N GLN B 17 -17.74 -31.50 36.12
CA GLN B 17 -17.69 -32.95 35.97
C GLN B 17 -17.97 -33.38 34.53
N LEU B 18 -18.89 -32.70 33.83
CA LEU B 18 -19.07 -32.99 32.41
C LEU B 18 -17.77 -32.81 31.65
N LYS B 19 -17.09 -31.69 31.87
CA LYS B 19 -15.82 -31.45 31.19
C LYS B 19 -14.79 -32.52 31.56
N ASN B 20 -14.71 -32.87 32.85
CA ASN B 20 -13.71 -33.84 33.29
C ASN B 20 -13.93 -35.20 32.63
N GLN B 21 -15.15 -35.73 32.69
CA GLN B 21 -15.37 -37.05 32.08
C GLN B 21 -15.33 -37.02 30.56
N ILE B 22 -15.74 -35.94 29.88
CA ILE B 22 -15.61 -35.94 28.43
C ILE B 22 -14.15 -35.87 28.03
N ARG B 23 -13.34 -35.09 28.76
CA ARG B 23 -11.91 -35.05 28.47
C ARG B 23 -11.25 -36.39 28.74
N ASP B 24 -11.65 -37.07 29.83
CA ASP B 24 -11.11 -38.39 30.13
C ASP B 24 -11.48 -39.39 29.05
N ALA B 25 -12.73 -39.36 28.57
CA ALA B 25 -13.14 -40.25 27.49
C ALA B 25 -12.37 -39.98 26.21
N ARG B 26 -12.17 -38.69 25.88
CA ARG B 26 -11.43 -38.33 24.68
C ARG B 26 -9.97 -38.79 24.77
N LYS B 27 -9.35 -38.62 25.93
CA LYS B 27 -7.94 -38.97 26.07
C LYS B 27 -7.74 -40.49 26.13
N ALA B 28 -8.60 -41.20 26.85
CA ALA B 28 -8.41 -42.62 27.08
C ALA B 28 -8.49 -43.43 25.79
N CYS B 29 -9.41 -43.08 24.90
CA CYS B 29 -9.62 -43.84 23.67
C CYS B 29 -8.70 -43.38 22.54
N ALA B 30 -7.93 -42.31 22.74
CA ALA B 30 -7.01 -41.84 21.70
C ALA B 30 -5.92 -42.88 21.47
N ASP B 31 -5.70 -43.24 20.20
CA ASP B 31 -4.77 -44.32 19.87
C ASP B 31 -3.32 -43.82 19.90
N ALA B 32 -3.00 -42.87 19.03
CA ALA B 32 -1.63 -42.39 18.91
C ALA B 32 -1.64 -41.01 18.25
N THR B 33 -0.52 -40.31 18.38
CA THR B 33 -0.38 -38.99 17.80
C THR B 33 -0.21 -39.08 16.28
N LEU B 34 -0.38 -37.93 15.61
CA LEU B 34 -0.25 -37.90 14.16
C LEU B 34 1.14 -38.30 13.71
N SER B 35 2.17 -37.81 14.40
CA SER B 35 3.55 -38.10 14.02
C SER B 35 3.85 -39.59 14.11
N GLN B 36 3.30 -40.29 15.11
CA GLN B 36 3.60 -41.70 15.28
C GLN B 36 3.24 -42.52 14.05
N ILE B 37 2.21 -42.11 13.32
CA ILE B 37 1.82 -42.81 12.09
C ILE B 37 2.47 -42.19 10.86
N THR B 38 2.60 -40.86 10.80
CA THR B 38 3.11 -40.21 9.60
C THR B 38 4.63 -40.09 9.55
N ASN B 39 5.34 -40.66 10.52
CA ASN B 39 6.81 -40.55 10.52
C ASN B 39 7.43 -41.23 9.30
N ASN B 40 6.91 -42.39 8.92
CA ASN B 40 7.51 -43.16 7.83
C ASN B 40 7.39 -42.50 6.47
N ILE B 41 6.56 -41.45 6.34
CA ILE B 41 6.39 -40.77 5.07
C ILE B 41 7.56 -39.82 4.83
N ASP B 42 8.11 -39.89 3.61
CA ASP B 42 9.21 -39.02 3.25
C ASP B 42 8.76 -37.56 3.20
N PRO B 43 9.67 -36.62 3.52
CA PRO B 43 9.28 -35.21 3.52
C PRO B 43 9.14 -34.64 2.11
N VAL B 44 8.89 -33.34 2.02
CA VAL B 44 8.74 -32.66 0.74
C VAL B 44 9.95 -31.81 0.39
N GLY B 45 10.96 -31.76 1.25
CA GLY B 45 12.15 -30.99 0.96
C GLY B 45 12.00 -29.52 1.28
N ARG B 46 12.25 -28.67 0.29
CA ARG B 46 12.13 -27.22 0.43
C ARG B 46 11.19 -26.71 -0.65
N ILE B 47 10.11 -26.04 -0.24
CA ILE B 47 9.15 -25.47 -1.20
C ILE B 47 9.66 -24.06 -1.49
N GLN B 48 10.42 -23.94 -2.58
CA GLN B 48 10.99 -22.68 -3.00
C GLN B 48 10.02 -21.98 -3.95
N MET B 49 9.38 -20.92 -3.48
CA MET B 49 8.48 -20.12 -4.30
C MET B 49 9.04 -18.72 -4.47
N ARG B 50 8.80 -18.16 -5.65
CA ARG B 50 9.34 -16.86 -6.03
C ARG B 50 8.17 -15.94 -6.39
N THR B 51 8.35 -14.65 -6.16
CA THR B 51 7.29 -13.69 -6.44
C THR B 51 7.11 -13.56 -7.95
N ARG B 52 6.07 -14.19 -8.49
CA ARG B 52 5.73 -14.07 -9.90
C ARG B 52 5.10 -12.71 -10.20
N ARG B 53 4.19 -12.27 -9.34
CA ARG B 53 3.51 -11.00 -9.52
C ARG B 53 3.53 -10.21 -8.22
N THR B 54 3.62 -8.89 -8.35
CA THR B 54 3.52 -7.98 -7.22
C THR B 54 2.45 -6.95 -7.55
N LEU B 55 1.43 -6.85 -6.70
CA LEU B 55 0.31 -5.96 -6.92
C LEU B 55 0.51 -4.71 -6.08
N ARG B 56 0.56 -3.55 -6.75
CA ARG B 56 0.81 -2.27 -6.11
C ARG B 56 -0.34 -1.33 -6.37
N GLY B 57 -0.58 -0.43 -5.42
CA GLY B 57 -1.66 0.53 -5.53
C GLY B 57 -2.34 0.82 -4.22
N HIS B 58 -2.31 -0.13 -3.29
CA HIS B 58 -2.77 0.13 -1.94
C HIS B 58 -1.80 1.07 -1.23
N LEU B 59 -2.35 2.06 -0.54
CA LEU B 59 -1.55 3.12 0.08
C LEU B 59 -1.75 3.13 1.58
N ALA B 60 -1.96 1.94 2.15
CA ALA B 60 -2.12 1.77 3.59
C ALA B 60 -2.01 0.30 3.93
N LYS B 61 -2.22 -0.06 5.19
CA LYS B 61 -2.15 -1.45 5.59
C LYS B 61 -3.22 -2.27 4.88
N ILE B 62 -2.81 -3.41 4.35
CA ILE B 62 -3.72 -4.38 3.74
C ILE B 62 -4.17 -5.32 4.84
N TYR B 63 -5.48 -5.43 5.05
CA TYR B 63 -5.98 -6.22 6.16
C TYR B 63 -6.58 -7.55 5.75
N ALA B 64 -7.11 -7.65 4.53
CA ALA B 64 -7.72 -8.89 4.08
C ALA B 64 -7.60 -9.02 2.58
N MET B 65 -7.82 -10.24 2.10
CA MET B 65 -7.84 -10.58 0.69
C MET B 65 -8.61 -11.88 0.53
N HIS B 66 -9.29 -12.03 -0.60
CA HIS B 66 -9.97 -13.27 -0.92
C HIS B 66 -9.81 -13.59 -2.40
N TRP B 67 -9.52 -14.84 -2.71
CA TRP B 67 -9.37 -15.30 -4.07
C TRP B 67 -10.73 -15.46 -4.74
N GLY B 68 -10.76 -15.19 -6.05
CA GLY B 68 -11.95 -15.46 -6.83
C GLY B 68 -12.12 -16.95 -7.07
N THR B 69 -13.36 -17.33 -7.36
CA THR B 69 -13.68 -18.73 -7.59
C THR B 69 -13.06 -19.28 -8.87
N ASP B 70 -12.55 -18.41 -9.75
CA ASP B 70 -11.92 -18.83 -10.99
C ASP B 70 -10.40 -18.91 -10.88
N SER B 71 -9.86 -18.65 -9.68
CA SER B 71 -8.42 -18.72 -9.41
C SER B 71 -7.65 -17.70 -10.23
N ARG B 72 -8.33 -16.64 -10.67
CA ARG B 72 -7.67 -15.57 -11.42
C ARG B 72 -8.01 -14.17 -10.93
N LEU B 73 -9.18 -13.94 -10.34
CA LEU B 73 -9.56 -12.63 -9.84
C LEU B 73 -9.32 -12.56 -8.34
N LEU B 74 -8.98 -11.36 -7.86
CA LEU B 74 -8.67 -11.16 -6.45
C LEU B 74 -9.38 -9.93 -5.92
N VAL B 75 -9.76 -9.97 -4.65
CA VAL B 75 -10.26 -8.80 -3.94
C VAL B 75 -9.37 -8.59 -2.72
N SER B 76 -9.03 -7.33 -2.45
CA SER B 76 -8.19 -6.98 -1.32
C SER B 76 -8.71 -5.72 -0.66
N ALA B 77 -8.70 -5.71 0.67
CA ALA B 77 -9.19 -4.60 1.47
C ALA B 77 -8.03 -3.91 2.16
N SER B 78 -7.95 -2.60 2.02
CA SER B 78 -6.88 -1.85 2.66
C SER B 78 -7.45 -0.85 3.65
N GLN B 79 -6.59 -0.44 4.59
CA GLN B 79 -7.00 0.44 5.69
C GLN B 79 -7.40 1.83 5.22
N ASP B 80 -6.99 2.23 4.02
CA ASP B 80 -7.38 3.53 3.47
C ASP B 80 -8.76 3.51 2.83
N GLY B 81 -9.59 2.53 3.17
CA GLY B 81 -10.95 2.47 2.67
C GLY B 81 -11.04 2.19 1.19
N LYS B 82 -10.18 1.31 0.69
CA LYS B 82 -10.22 0.90 -0.71
C LYS B 82 -10.34 -0.61 -0.81
N LEU B 83 -11.22 -1.06 -1.69
CA LEU B 83 -11.40 -2.46 -2.02
C LEU B 83 -11.06 -2.66 -3.49
N ILE B 84 -9.98 -3.36 -3.76
CA ILE B 84 -9.45 -3.46 -5.12
C ILE B 84 -9.60 -4.89 -5.62
N ILE B 85 -10.15 -5.03 -6.82
CA ILE B 85 -10.22 -6.29 -7.53
C ILE B 85 -9.15 -6.29 -8.60
N TRP B 86 -8.20 -7.21 -8.46
CA TRP B 86 -7.06 -7.37 -9.35
C TRP B 86 -7.29 -8.54 -10.29
N ASP B 87 -6.72 -8.43 -11.50
CA ASP B 87 -6.53 -9.56 -12.39
C ASP B 87 -5.16 -10.17 -12.08
N SER B 88 -5.16 -11.30 -11.39
CA SER B 88 -3.94 -11.91 -10.88
C SER B 88 -2.95 -12.30 -11.97
N TYR B 89 -3.42 -12.67 -13.16
CA TYR B 89 -2.55 -13.08 -14.26
C TYR B 89 -1.72 -11.93 -14.80
N THR B 90 -2.31 -10.76 -14.98
CA THR B 90 -1.67 -9.64 -15.65
C THR B 90 -1.49 -8.42 -14.76
N THR B 91 -1.84 -8.53 -13.47
CA THR B 91 -1.72 -7.43 -12.52
C THR B 91 -2.50 -6.19 -12.97
N ASN B 92 -3.66 -6.43 -13.58
CA ASN B 92 -4.57 -5.36 -13.95
C ASN B 92 -5.62 -5.16 -12.88
N LYS B 93 -5.86 -3.90 -12.53
CA LYS B 93 -6.88 -3.55 -11.54
C LYS B 93 -8.24 -3.61 -12.22
N VAL B 94 -8.98 -4.68 -11.96
CA VAL B 94 -10.30 -4.83 -12.55
C VAL B 94 -11.29 -3.84 -11.95
N HIS B 95 -11.26 -3.67 -10.63
CA HIS B 95 -12.22 -2.80 -9.97
C HIS B 95 -11.55 -2.06 -8.82
N ALA B 96 -12.07 -0.86 -8.53
CA ALA B 96 -11.68 -0.09 -7.35
C ALA B 96 -12.94 0.45 -6.69
N ILE B 97 -13.14 0.11 -5.42
CA ILE B 97 -14.38 0.37 -4.70
C ILE B 97 -14.07 1.21 -3.48
N PRO B 98 -14.61 2.42 -3.36
CA PRO B 98 -14.42 3.20 -2.14
C PRO B 98 -15.38 2.76 -1.04
N LEU B 99 -14.82 2.22 0.05
CA LEU B 99 -15.63 1.81 1.17
C LEU B 99 -16.11 3.03 1.97
N ARG B 100 -17.29 2.89 2.58
CA ARG B 100 -17.82 3.97 3.41
C ARG B 100 -17.08 4.07 4.73
N SER B 101 -16.71 2.92 5.32
CA SER B 101 -15.91 2.88 6.52
C SER B 101 -14.48 2.47 6.15
N SER B 102 -13.52 3.27 6.57
CA SER B 102 -12.11 2.99 6.30
C SER B 102 -11.56 1.88 7.20
N TRP B 103 -12.28 1.51 8.24
CA TRP B 103 -11.78 0.56 9.23
C TRP B 103 -12.29 -0.85 8.92
N VAL B 104 -11.87 -1.33 7.76
CA VAL B 104 -12.21 -2.66 7.27
C VAL B 104 -11.18 -3.65 7.79
N MET B 105 -11.65 -4.81 8.25
CA MET B 105 -10.77 -5.80 8.87
C MET B 105 -10.83 -7.15 8.19
N THR B 106 -11.84 -7.40 7.36
CA THR B 106 -12.01 -8.67 6.68
C THR B 106 -12.88 -8.42 5.46
N CYS B 107 -12.78 -9.33 4.48
CA CYS B 107 -13.81 -9.49 3.46
C CYS B 107 -13.47 -10.50 2.39
N ALA B 108 -14.49 -10.85 1.59
CA ALA B 108 -14.55 -12.09 0.85
C ALA B 108 -15.11 -11.86 -0.54
N TYR B 109 -14.92 -12.87 -1.39
CA TYR B 109 -15.37 -12.89 -2.77
C TYR B 109 -16.48 -13.93 -2.91
N ALA B 110 -17.58 -13.55 -3.55
CA ALA B 110 -18.72 -14.45 -3.68
C ALA B 110 -18.35 -15.65 -4.56
N PRO B 111 -18.92 -16.83 -4.28
CA PRO B 111 -18.61 -18.02 -5.08
C PRO B 111 -19.03 -17.93 -6.53
N SER B 112 -19.91 -17.00 -6.88
CA SER B 112 -20.31 -16.79 -8.26
C SER B 112 -19.64 -15.59 -8.91
N GLY B 113 -18.92 -14.77 -8.15
CA GLY B 113 -18.25 -13.62 -8.70
C GLY B 113 -19.12 -12.41 -8.91
N ASN B 114 -20.40 -12.49 -8.56
CA ASN B 114 -21.32 -11.37 -8.78
C ASN B 114 -21.31 -10.38 -7.63
N TYR B 115 -20.86 -10.80 -6.44
CA TYR B 115 -20.92 -9.97 -5.25
C TYR B 115 -19.61 -9.99 -4.48
N VAL B 116 -19.47 -9.02 -3.60
CA VAL B 116 -18.37 -8.94 -2.64
C VAL B 116 -18.88 -8.30 -1.36
N ALA B 117 -18.72 -8.99 -0.23
CA ALA B 117 -19.20 -8.52 1.07
C ALA B 117 -18.02 -8.19 1.95
N CYS B 118 -18.08 -7.05 2.64
CA CYS B 118 -16.85 -6.56 3.23
C CYS B 118 -17.18 -5.59 4.36
N GLY B 119 -16.34 -5.58 5.40
CA GLY B 119 -16.65 -4.79 6.59
C GLY B 119 -15.59 -4.75 7.68
N GLY B 120 -15.96 -4.19 8.84
CA GLY B 120 -15.02 -4.02 9.92
C GLY B 120 -15.55 -3.30 11.14
N LEU B 121 -14.81 -2.31 11.64
CA LEU B 121 -15.11 -1.63 12.89
C LEU B 121 -16.40 -0.82 12.86
N ASP B 122 -17.13 -0.81 11.74
CA ASP B 122 -18.37 -0.07 11.62
C ASP B 122 -19.60 -0.89 12.01
N ASN B 123 -19.42 -2.13 12.46
CA ASN B 123 -20.48 -3.04 12.87
C ASN B 123 -21.41 -3.45 11.73
N ILE B 124 -21.02 -3.23 10.48
CA ILE B 124 -21.88 -3.47 9.33
C ILE B 124 -21.11 -4.31 8.33
N CYS B 125 -21.81 -5.26 7.69
CA CYS B 125 -21.26 -5.99 6.54
C CYS B 125 -21.88 -5.40 5.28
N SER B 126 -21.11 -4.62 4.52
CA SER B 126 -21.62 -4.01 3.31
C SER B 126 -21.39 -4.94 2.13
N ILE B 127 -22.43 -5.16 1.33
CA ILE B 127 -22.41 -6.11 0.24
C ILE B 127 -22.57 -5.33 -1.05
N TYR B 128 -21.65 -5.53 -1.98
CA TYR B 128 -21.54 -4.81 -3.23
C TYR B 128 -21.78 -5.76 -4.40
N ASN B 129 -22.50 -5.27 -5.40
CA ASN B 129 -22.85 -6.04 -6.59
C ASN B 129 -21.89 -5.67 -7.72
N LEU B 130 -21.22 -6.68 -8.28
CA LEU B 130 -20.22 -6.44 -9.32
C LEU B 130 -20.82 -6.44 -10.72
N LYS B 131 -21.67 -7.41 -11.04
CA LYS B 131 -22.21 -7.55 -12.39
C LYS B 131 -23.49 -6.73 -12.52
N THR B 132 -23.30 -5.41 -12.53
CA THR B 132 -24.40 -4.48 -12.65
C THR B 132 -24.56 -4.03 -14.10
N ARG B 133 -25.73 -3.48 -14.40
CA ARG B 133 -25.99 -2.87 -15.70
C ARG B 133 -25.41 -1.47 -15.80
N GLU B 134 -25.02 -0.86 -14.68
CA GLU B 134 -24.52 0.50 -14.63
C GLU B 134 -23.02 0.61 -14.86
N GLY B 135 -22.31 -0.51 -14.92
CA GLY B 135 -20.88 -0.47 -15.16
C GLY B 135 -20.02 -0.20 -13.96
N ASN B 136 -20.63 0.03 -12.80
CA ASN B 136 -19.91 0.29 -11.56
C ASN B 136 -20.23 -0.82 -10.56
N VAL B 137 -19.74 -0.65 -9.34
CA VAL B 137 -19.99 -1.59 -8.25
C VAL B 137 -20.81 -0.85 -7.21
N ARG B 138 -22.11 -1.15 -7.16
CA ARG B 138 -23.03 -0.53 -6.21
C ARG B 138 -23.06 -1.33 -4.92
N VAL B 139 -23.47 -0.67 -3.85
CA VAL B 139 -23.64 -1.32 -2.56
C VAL B 139 -24.99 -2.04 -2.57
N SER B 140 -24.95 -3.38 -2.58
CA SER B 140 -26.19 -4.16 -2.67
C SER B 140 -27.00 -4.04 -1.39
N ARG B 141 -26.36 -4.21 -0.23
CA ARG B 141 -27.09 -4.17 1.04
C ARG B 141 -26.14 -4.06 2.23
N GLU B 142 -26.56 -3.33 3.25
CA GLU B 142 -25.80 -3.20 4.49
C GLU B 142 -26.45 -4.08 5.55
N LEU B 143 -25.75 -5.11 5.99
CA LEU B 143 -26.22 -6.00 7.04
C LEU B 143 -25.76 -5.47 8.40
N ALA B 144 -26.72 -5.08 9.24
CA ALA B 144 -26.44 -4.50 10.54
C ALA B 144 -27.15 -5.30 11.63
N GLY B 145 -26.60 -5.24 12.84
CA GLY B 145 -27.13 -6.01 13.95
C GLY B 145 -26.07 -6.55 14.89
N HIS B 146 -24.81 -6.29 14.57
CA HIS B 146 -23.69 -6.64 15.44
C HIS B 146 -23.32 -5.43 16.30
N THR B 147 -22.94 -5.70 17.54
CA THR B 147 -22.56 -4.64 18.48
C THR B 147 -21.04 -4.60 18.71
N GLY B 148 -20.28 -5.32 17.90
CA GLY B 148 -18.83 -5.30 17.97
C GLY B 148 -18.25 -5.46 16.59
N TYR B 149 -16.94 -5.27 16.49
CA TYR B 149 -16.29 -5.24 15.19
C TYR B 149 -16.46 -6.58 14.47
N LEU B 150 -16.42 -6.52 13.14
CA LEU B 150 -16.79 -7.62 12.28
C LEU B 150 -15.55 -8.30 11.71
N SER B 151 -15.63 -9.62 11.54
CA SER B 151 -14.53 -10.41 11.00
C SER B 151 -15.09 -11.58 10.17
N CYS B 152 -14.26 -12.02 9.22
CA CYS B 152 -14.52 -13.18 8.37
C CYS B 152 -15.93 -13.25 7.81
N CYS B 153 -16.30 -12.29 6.97
CA CYS B 153 -17.45 -12.47 6.11
C CYS B 153 -17.16 -13.59 5.12
N ARG B 154 -18.13 -14.46 4.89
CA ARG B 154 -17.95 -15.56 3.93
C ARG B 154 -19.30 -15.88 3.31
N PHE B 155 -19.41 -15.66 1.99
CA PHE B 155 -20.63 -15.99 1.28
C PHE B 155 -20.86 -17.50 1.26
N LEU B 156 -22.10 -17.90 1.49
CA LEU B 156 -22.51 -19.27 1.19
C LEU B 156 -22.96 -19.38 -0.26
N ASP B 157 -23.88 -18.52 -0.67
CA ASP B 157 -24.29 -18.40 -2.06
C ASP B 157 -24.53 -16.92 -2.33
N ASP B 158 -25.23 -16.63 -3.42
CA ASP B 158 -25.50 -15.25 -3.82
C ASP B 158 -26.38 -14.50 -2.82
N ASN B 159 -27.04 -15.20 -1.90
CA ASN B 159 -28.02 -14.54 -1.03
C ASN B 159 -27.94 -15.03 0.42
N GLN B 160 -26.77 -15.48 0.88
CA GLN B 160 -26.67 -16.03 2.23
C GLN B 160 -25.21 -16.01 2.65
N ILE B 161 -24.94 -15.47 3.83
CA ILE B 161 -23.57 -15.19 4.28
C ILE B 161 -23.48 -15.29 5.80
N VAL B 162 -22.35 -15.79 6.29
CA VAL B 162 -22.06 -15.88 7.72
C VAL B 162 -20.94 -14.91 8.06
N THR B 163 -21.09 -14.21 9.18
CA THR B 163 -20.08 -13.25 9.65
C THR B 163 -19.82 -13.48 11.13
N SER B 164 -18.57 -13.36 11.55
CA SER B 164 -18.23 -13.39 12.97
C SER B 164 -18.01 -11.98 13.47
N SER B 165 -18.02 -11.82 14.80
CA SER B 165 -17.91 -10.50 15.37
C SER B 165 -17.25 -10.57 16.74
N GLY B 166 -16.97 -9.40 17.30
CA GLY B 166 -16.51 -9.22 18.65
C GLY B 166 -17.62 -9.24 19.68
N ASP B 167 -18.81 -9.67 19.28
CA ASP B 167 -19.95 -9.83 20.17
C ASP B 167 -20.01 -11.20 20.81
N THR B 168 -18.93 -11.99 20.67
CA THR B 168 -18.85 -13.37 21.15
C THR B 168 -19.85 -14.28 20.44
N THR B 169 -20.30 -13.88 19.25
CA THR B 169 -21.33 -14.63 18.52
C THR B 169 -21.16 -14.41 17.03
N CYS B 170 -21.66 -15.37 16.26
CA CYS B 170 -21.69 -15.28 14.80
C CYS B 170 -23.12 -15.18 14.31
N ALA B 171 -23.27 -14.73 13.06
CA ALA B 171 -24.59 -14.50 12.50
C ALA B 171 -24.67 -15.00 11.07
N LEU B 172 -25.72 -15.75 10.77
CA LEU B 172 -26.05 -16.15 9.40
C LEU B 172 -27.17 -15.27 8.89
N TRP B 173 -26.92 -14.56 7.79
CA TRP B 173 -27.81 -13.51 7.31
C TRP B 173 -28.61 -13.99 6.10
N ASP B 174 -29.53 -13.14 5.66
CA ASP B 174 -30.29 -13.36 4.43
C ASP B 174 -30.27 -12.06 3.65
N ILE B 175 -29.46 -12.03 2.59
CA ILE B 175 -29.20 -10.78 1.88
C ILE B 175 -30.43 -10.27 1.15
N GLU B 176 -31.36 -11.13 0.77
CA GLU B 176 -32.60 -10.67 0.13
C GLU B 176 -33.42 -9.82 1.10
N THR B 177 -33.58 -10.30 2.34
CA THR B 177 -34.36 -9.56 3.33
C THR B 177 -33.49 -8.57 4.10
N GLY B 178 -32.29 -8.99 4.50
CA GLY B 178 -31.41 -8.13 5.25
C GLY B 178 -31.50 -8.40 6.74
N GLN B 179 -32.21 -9.45 7.13
CA GLN B 179 -32.43 -9.80 8.52
C GLN B 179 -31.51 -10.94 8.93
N GLN B 180 -31.11 -10.92 10.20
CA GLN B 180 -30.25 -11.97 10.75
C GLN B 180 -31.05 -13.26 10.87
N THR B 181 -30.81 -14.20 9.95
CA THR B 181 -31.58 -15.45 9.95
C THR B 181 -31.28 -16.29 11.18
N THR B 182 -30.00 -16.52 11.46
CA THR B 182 -29.59 -17.38 12.56
C THR B 182 -28.49 -16.71 13.37
N THR B 183 -28.48 -16.96 14.68
CA THR B 183 -27.46 -16.44 15.57
C THR B 183 -26.82 -17.59 16.32
N PHE B 184 -25.50 -17.62 16.35
CA PHE B 184 -24.72 -18.66 17.00
C PHE B 184 -24.00 -18.02 18.19
N THR B 185 -24.41 -18.39 19.40
CA THR B 185 -23.85 -17.83 20.62
C THR B 185 -23.22 -18.94 21.46
N GLY B 186 -22.31 -18.54 22.34
CA GLY B 186 -21.69 -19.46 23.25
C GLY B 186 -20.23 -19.19 23.52
N HIS B 187 -19.60 -18.41 22.65
CA HIS B 187 -18.22 -18.00 22.85
C HIS B 187 -18.14 -16.99 23.98
N THR B 188 -16.99 -16.95 24.65
CA THR B 188 -16.74 -16.05 25.76
C THR B 188 -15.56 -15.14 25.41
N GLY B 189 -15.58 -14.59 24.21
CA GLY B 189 -14.52 -13.73 23.73
C GLY B 189 -14.77 -13.33 22.31
N ASP B 190 -13.95 -12.40 21.83
CA ASP B 190 -14.11 -11.89 20.48
C ASP B 190 -13.82 -12.99 19.46
N VAL B 191 -14.83 -13.32 18.65
CA VAL B 191 -14.69 -14.32 17.61
C VAL B 191 -13.99 -13.66 16.44
N MET B 192 -12.74 -14.05 16.18
CA MET B 192 -11.91 -13.32 15.24
C MET B 192 -11.86 -13.94 13.84
N SER B 193 -12.29 -15.19 13.68
CA SER B 193 -12.21 -15.82 12.37
C SER B 193 -13.31 -16.86 12.23
N LEU B 194 -13.65 -17.15 10.98
CA LEU B 194 -14.51 -18.28 10.64
C LEU B 194 -14.14 -18.77 9.25
N SER B 195 -14.50 -20.02 8.96
CA SER B 195 -14.20 -20.66 7.69
C SER B 195 -15.34 -21.58 7.31
N LEU B 196 -15.86 -21.42 6.10
CA LEU B 196 -16.95 -22.27 5.65
C LEU B 196 -16.43 -23.63 5.20
N ALA B 197 -17.20 -24.67 5.51
CA ALA B 197 -16.87 -26.00 5.04
C ALA B 197 -17.04 -26.06 3.51
N PRO B 198 -16.30 -26.93 2.84
CA PRO B 198 -16.43 -27.04 1.38
C PRO B 198 -17.83 -27.40 0.92
N ASP B 199 -18.57 -28.20 1.70
CA ASP B 199 -19.86 -28.72 1.29
C ASP B 199 -21.03 -27.85 1.74
N THR B 200 -20.76 -26.69 2.35
CA THR B 200 -21.81 -25.75 2.76
C THR B 200 -22.81 -26.44 3.71
N ARG B 201 -22.27 -27.09 4.74
CA ARG B 201 -23.09 -27.74 5.75
C ARG B 201 -22.72 -27.33 7.17
N LEU B 202 -21.48 -26.90 7.41
CA LEU B 202 -20.97 -26.58 8.73
C LEU B 202 -19.96 -25.45 8.61
N PHE B 203 -19.54 -24.91 9.75
CA PHE B 203 -18.43 -23.98 9.74
C PHE B 203 -17.78 -23.95 11.13
N VAL B 204 -16.57 -23.40 11.18
CA VAL B 204 -15.81 -23.33 12.42
C VAL B 204 -15.37 -21.89 12.64
N SER B 205 -15.49 -21.45 13.89
CA SER B 205 -15.11 -20.09 14.26
C SER B 205 -14.22 -20.12 15.50
N GLY B 206 -13.10 -19.41 15.43
CA GLY B 206 -12.18 -19.29 16.55
C GLY B 206 -12.33 -17.93 17.20
N ALA B 207 -12.22 -17.91 18.53
CA ALA B 207 -12.50 -16.68 19.28
C ALA B 207 -11.31 -16.30 20.15
N CYS B 208 -11.41 -15.14 20.78
CA CYS B 208 -10.40 -14.63 21.70
C CYS B 208 -10.37 -15.37 23.02
N ASP B 209 -11.34 -16.25 23.29
CA ASP B 209 -11.33 -17.10 24.46
C ASP B 209 -10.49 -18.36 24.25
N ALA B 210 -9.57 -18.32 23.29
CA ALA B 210 -8.60 -19.39 23.04
C ALA B 210 -9.30 -20.71 22.73
N SER B 211 -10.41 -20.64 22.00
CA SER B 211 -11.14 -21.85 21.62
C SER B 211 -11.82 -21.63 20.28
N ALA B 212 -12.05 -22.74 19.58
CA ALA B 212 -12.80 -22.76 18.34
C ALA B 212 -14.06 -23.58 18.53
N LYS B 213 -15.06 -23.30 17.70
CA LYS B 213 -16.33 -23.99 17.81
C LYS B 213 -16.87 -24.30 16.43
N LEU B 214 -17.35 -25.54 16.28
CA LEU B 214 -17.98 -25.99 15.03
C LEU B 214 -19.49 -25.88 15.18
N TRP B 215 -20.09 -25.13 14.26
CA TRP B 215 -21.50 -24.76 14.27
C TRP B 215 -22.17 -25.19 12.97
N ASP B 216 -23.48 -25.47 13.07
CA ASP B 216 -24.28 -25.94 11.95
C ASP B 216 -25.12 -24.79 11.43
N VAL B 217 -25.03 -24.52 10.13
CA VAL B 217 -25.68 -23.35 9.55
C VAL B 217 -27.20 -23.48 9.51
N ARG B 218 -27.74 -24.70 9.55
CA ARG B 218 -29.19 -24.88 9.44
C ARG B 218 -29.85 -25.11 10.78
N GLU B 219 -29.17 -25.78 11.71
CA GLU B 219 -29.70 -25.99 13.05
C GLU B 219 -29.26 -24.93 14.04
N GLY B 220 -28.15 -24.25 13.79
CA GLY B 220 -27.68 -23.22 14.71
C GLY B 220 -27.23 -23.75 16.05
N MET B 221 -26.86 -25.03 16.12
CA MET B 221 -26.49 -25.67 17.37
C MET B 221 -24.98 -25.79 17.47
N CYS B 222 -24.48 -25.78 18.70
CA CYS B 222 -23.05 -25.98 18.98
C CYS B 222 -22.72 -27.45 18.77
N ARG B 223 -22.23 -27.77 17.57
CA ARG B 223 -21.88 -29.16 17.29
C ARG B 223 -20.60 -29.57 18.03
N GLN B 224 -19.56 -28.74 17.98
CA GLN B 224 -18.30 -29.13 18.60
C GLN B 224 -17.60 -27.93 19.23
N THR B 225 -16.74 -28.22 20.21
CA THR B 225 -15.86 -27.25 20.83
C THR B 225 -14.44 -27.81 20.82
N PHE B 226 -13.47 -26.92 20.62
CA PHE B 226 -12.07 -27.31 20.44
C PHE B 226 -11.19 -26.36 21.22
N THR B 227 -10.35 -26.90 22.09
CA THR B 227 -9.44 -26.13 22.91
C THR B 227 -8.01 -26.61 22.68
N GLY B 228 -7.05 -25.88 23.25
CA GLY B 228 -5.66 -26.27 23.15
C GLY B 228 -4.70 -25.09 23.02
N HIS B 229 -5.20 -23.95 22.58
CA HIS B 229 -4.36 -22.77 22.48
C HIS B 229 -4.29 -22.04 23.83
N GLU B 230 -3.27 -21.21 23.97
CA GLU B 230 -3.06 -20.43 25.18
C GLU B 230 -3.49 -18.98 25.06
N SER B 231 -3.55 -18.45 23.85
CA SER B 231 -3.99 -17.08 23.64
C SER B 231 -5.08 -17.02 22.57
N ASP B 232 -5.46 -15.81 22.19
CA ASP B 232 -6.56 -15.61 21.24
C ASP B 232 -6.20 -16.12 19.85
N ILE B 233 -7.20 -16.69 19.18
CA ILE B 233 -7.05 -17.27 17.85
C ILE B 233 -7.33 -16.20 16.81
N ASN B 234 -6.39 -16.00 15.88
CA ASN B 234 -6.50 -14.94 14.88
C ASN B 234 -7.01 -15.43 13.54
N ALA B 235 -6.80 -16.69 13.19
CA ALA B 235 -7.13 -17.19 11.87
C ALA B 235 -7.56 -18.65 11.96
N ILE B 236 -8.34 -19.06 10.97
CA ILE B 236 -8.86 -20.43 10.91
C ILE B 236 -9.19 -20.74 9.46
N CYS B 237 -9.08 -22.02 9.10
CA CYS B 237 -9.46 -22.46 7.77
C CYS B 237 -9.69 -23.96 7.82
N PHE B 238 -10.48 -24.46 6.86
CA PHE B 238 -10.78 -25.87 6.74
C PHE B 238 -9.73 -26.59 5.90
N PHE B 239 -9.48 -27.84 6.26
CA PHE B 239 -8.82 -28.76 5.35
C PHE B 239 -9.71 -28.96 4.12
N PRO B 240 -9.13 -29.12 2.93
CA PRO B 240 -9.96 -29.19 1.71
C PRO B 240 -10.98 -30.32 1.71
N ASN B 241 -10.78 -31.37 2.48
CA ASN B 241 -11.74 -32.47 2.56
C ASN B 241 -12.87 -32.19 3.55
N GLY B 242 -12.80 -31.10 4.29
CA GLY B 242 -13.87 -30.71 5.19
C GLY B 242 -13.96 -31.53 6.46
N ASN B 243 -12.89 -32.23 6.83
CA ASN B 243 -12.88 -33.01 8.05
C ASN B 243 -11.81 -32.56 9.04
N ALA B 244 -11.16 -31.42 8.82
CA ALA B 244 -10.12 -30.92 9.71
C ALA B 244 -10.06 -29.42 9.55
N PHE B 245 -9.44 -28.75 10.53
CA PHE B 245 -9.26 -27.32 10.44
C PHE B 245 -8.03 -26.90 11.25
N ALA B 246 -7.38 -25.83 10.79
CA ALA B 246 -6.15 -25.33 11.37
C ALA B 246 -6.36 -23.94 11.93
N THR B 247 -5.88 -23.71 13.15
CA THR B 247 -5.96 -22.44 13.85
C THR B 247 -4.57 -21.90 14.10
N GLY B 248 -4.48 -20.58 14.18
CA GLY B 248 -3.25 -19.91 14.56
C GLY B 248 -3.52 -18.82 15.58
N SER B 249 -2.82 -18.84 16.70
CA SER B 249 -3.06 -17.90 17.78
C SER B 249 -1.87 -16.95 17.95
N ASP B 250 -1.98 -16.04 18.91
CA ASP B 250 -0.88 -15.15 19.29
C ASP B 250 0.21 -15.88 20.07
N ASP B 251 -0.04 -17.13 20.45
CA ASP B 251 0.95 -17.96 21.13
C ASP B 251 2.10 -18.30 20.18
N ALA B 252 1.92 -18.07 18.87
CA ALA B 252 2.85 -18.48 17.83
C ALA B 252 2.85 -20.00 17.66
N THR B 253 1.66 -20.59 17.80
CA THR B 253 1.46 -22.01 17.58
C THR B 253 0.30 -22.20 16.62
N CYS B 254 0.53 -22.95 15.55
CA CYS B 254 -0.53 -23.39 14.66
C CYS B 254 -0.92 -24.81 15.05
N ARG B 255 -2.22 -25.05 15.13
CA ARG B 255 -2.74 -26.35 15.54
C ARG B 255 -3.78 -26.85 14.55
N LEU B 256 -3.67 -28.13 14.21
CA LEU B 256 -4.63 -28.81 13.36
C LEU B 256 -5.49 -29.71 14.22
N PHE B 257 -6.80 -29.47 14.20
CA PHE B 257 -7.81 -30.27 14.87
C PHE B 257 -8.60 -31.07 13.84
N ASP B 258 -9.12 -32.21 14.27
CA ASP B 258 -10.02 -33.03 13.47
C ASP B 258 -11.45 -32.85 13.96
N LEU B 259 -12.37 -32.65 13.03
CA LEU B 259 -13.77 -32.41 13.42
C LEU B 259 -14.38 -33.62 14.10
N ARG B 260 -13.90 -34.82 13.78
CA ARG B 260 -14.48 -36.05 14.31
C ARG B 260 -13.70 -36.63 15.48
N ALA B 261 -12.40 -36.39 15.56
CA ALA B 261 -11.61 -36.85 16.69
C ALA B 261 -11.75 -35.98 17.92
N ASP B 262 -12.20 -34.73 17.75
CA ASP B 262 -12.43 -33.80 18.86
C ASP B 262 -11.15 -33.46 19.62
N GLN B 263 -10.00 -33.95 19.13
CA GLN B 263 -8.72 -33.68 19.74
C GLN B 263 -7.79 -33.12 18.66
N GLU B 264 -6.88 -32.24 19.09
CA GLU B 264 -5.97 -31.61 18.14
C GLU B 264 -5.10 -32.65 17.46
N LEU B 265 -5.04 -32.59 16.13
CA LEU B 265 -4.26 -33.57 15.37
C LEU B 265 -2.78 -33.30 15.51
N MET B 266 -2.36 -32.05 15.38
CA MET B 266 -0.93 -31.78 15.39
C MET B 266 -0.65 -30.33 15.73
N THR B 267 0.54 -30.09 16.29
CA THR B 267 1.03 -28.76 16.60
C THR B 267 2.08 -28.36 15.57
N TYR B 268 2.10 -27.07 15.20
CA TYR B 268 2.94 -26.56 14.14
C TYR B 268 3.77 -25.38 14.66
N SER B 269 4.42 -25.59 15.80
CA SER B 269 5.21 -24.57 16.47
C SER B 269 6.69 -24.88 16.38
N HIS B 270 7.50 -23.82 16.43
CA HIS B 270 8.95 -23.93 16.50
C HIS B 270 9.49 -22.93 17.51
N ASP B 271 10.66 -23.24 18.06
CA ASP B 271 11.20 -22.45 19.17
C ASP B 271 11.63 -21.05 18.72
N ASN B 272 12.06 -20.90 17.47
CA ASN B 272 12.57 -19.61 17.02
C ASN B 272 11.46 -18.57 16.85
N ILE B 273 10.26 -19.00 16.47
CA ILE B 273 9.16 -18.08 16.25
C ILE B 273 8.57 -17.65 17.59
N ILE B 274 8.52 -16.35 17.84
CA ILE B 274 8.00 -15.81 19.08
C ILE B 274 6.67 -15.08 18.86
N CYS B 275 6.50 -14.42 17.71
CA CYS B 275 5.30 -13.67 17.41
C CYS B 275 4.23 -14.59 16.82
N GLY B 276 2.97 -14.24 17.06
CA GLY B 276 1.86 -15.12 16.74
C GLY B 276 1.57 -15.21 15.26
N ILE B 277 0.53 -15.97 14.94
CA ILE B 277 0.11 -16.17 13.56
C ILE B 277 -0.98 -15.15 13.23
N THR B 278 -0.87 -14.54 12.05
CA THR B 278 -1.89 -13.61 11.60
C THR B 278 -2.87 -14.23 10.62
N SER B 279 -2.41 -15.13 9.75
CA SER B 279 -3.29 -15.75 8.76
C SER B 279 -2.90 -17.19 8.54
N VAL B 280 -3.86 -18.01 8.11
CA VAL B 280 -3.66 -19.44 7.92
C VAL B 280 -4.43 -19.89 6.68
N SER B 281 -3.79 -20.71 5.85
CA SER B 281 -4.44 -21.28 4.67
C SER B 281 -3.71 -22.56 4.27
N PHE B 282 -4.40 -23.42 3.53
CA PHE B 282 -3.82 -24.67 3.03
C PHE B 282 -3.62 -24.60 1.54
N SER B 283 -2.75 -25.48 1.04
CA SER B 283 -2.67 -25.74 -0.38
C SER B 283 -3.80 -26.67 -0.81
N LYS B 284 -3.94 -26.85 -2.12
CA LYS B 284 -5.08 -27.60 -2.66
C LYS B 284 -5.09 -29.04 -2.16
N SER B 285 -3.94 -29.69 -2.07
CA SER B 285 -3.87 -31.08 -1.64
C SER B 285 -3.93 -31.24 -0.12
N GLY B 286 -3.83 -30.15 0.62
CA GLY B 286 -3.76 -30.25 2.07
C GLY B 286 -2.43 -30.74 2.57
N ARG B 287 -1.37 -30.59 1.78
CA ARG B 287 -0.02 -30.97 2.16
C ARG B 287 0.82 -29.81 2.64
N LEU B 288 0.60 -28.61 2.11
CA LEU B 288 1.37 -27.43 2.49
C LEU B 288 0.44 -26.44 3.18
N LEU B 289 0.56 -26.34 4.50
CA LEU B 289 -0.19 -25.36 5.27
C LEU B 289 0.61 -24.07 5.29
N LEU B 290 0.04 -23.01 4.73
CA LEU B 290 0.72 -21.72 4.74
C LEU B 290 0.22 -20.87 5.89
N ALA B 291 1.16 -20.22 6.57
CA ALA B 291 0.82 -19.44 7.76
C ALA B 291 1.55 -18.10 7.69
N GLY B 292 0.80 -17.02 7.56
CA GLY B 292 1.39 -15.70 7.58
C GLY B 292 1.53 -15.21 9.02
N TYR B 293 2.78 -14.94 9.40
CA TYR B 293 3.18 -14.66 10.77
C TYR B 293 3.31 -13.16 11.00
N ASP B 294 3.37 -12.79 12.28
CA ASP B 294 3.33 -11.39 12.68
C ASP B 294 4.61 -10.63 12.37
N ASP B 295 5.78 -11.29 12.40
CA ASP B 295 7.02 -10.54 12.25
C ASP B 295 7.15 -9.86 10.89
N PHE B 296 7.45 -10.61 9.84
CA PHE B 296 7.46 -10.07 8.50
C PHE B 296 7.03 -11.07 7.43
N ASN B 297 7.00 -12.35 7.77
CA ASN B 297 7.13 -13.41 6.78
C ASN B 297 5.96 -14.39 6.83
N CYS B 298 5.98 -15.33 5.88
CA CYS B 298 5.05 -16.44 5.80
C CYS B 298 5.82 -17.74 5.80
N ASN B 299 5.31 -18.72 6.53
CA ASN B 299 5.95 -20.03 6.64
C ASN B 299 5.12 -21.08 5.92
N VAL B 300 5.80 -21.97 5.20
CA VAL B 300 5.15 -23.07 4.50
C VAL B 300 5.43 -24.35 5.27
N TRP B 301 4.50 -24.73 6.14
CA TRP B 301 4.66 -25.93 6.94
C TRP B 301 4.18 -27.15 6.17
N ASP B 302 4.87 -28.27 6.36
CA ASP B 302 4.39 -29.56 5.88
C ASP B 302 3.30 -30.01 6.83
N ALA B 303 2.04 -29.93 6.38
CA ALA B 303 0.88 -30.16 7.25
C ALA B 303 0.82 -31.55 7.83
N LEU B 304 1.75 -32.45 7.47
CA LEU B 304 1.81 -33.77 8.06
C LEU B 304 3.03 -34.01 8.93
N LYS B 305 4.15 -33.32 8.66
CA LYS B 305 5.37 -33.53 9.42
C LYS B 305 5.73 -32.37 10.34
N ALA B 306 4.94 -31.30 10.34
CA ALA B 306 5.16 -30.15 11.23
C ALA B 306 6.56 -29.56 11.08
N ASP B 307 7.04 -29.48 9.85
CA ASP B 307 8.36 -28.92 9.56
C ASP B 307 8.22 -27.74 8.61
N ARG B 308 8.98 -26.69 8.87
CA ARG B 308 8.95 -25.50 8.01
C ARG B 308 9.63 -25.85 6.70
N ALA B 309 8.86 -26.33 5.73
CA ALA B 309 9.37 -26.69 4.42
C ALA B 309 9.22 -25.54 3.43
N GLY B 310 9.70 -24.36 3.78
CA GLY B 310 9.65 -23.21 2.90
C GLY B 310 9.22 -21.95 3.63
N VAL B 311 9.79 -20.83 3.21
CA VAL B 311 9.48 -19.52 3.78
C VAL B 311 9.37 -18.51 2.65
N LEU B 312 8.32 -17.69 2.66
CA LEU B 312 8.18 -16.59 1.71
C LEU B 312 8.77 -15.35 2.35
N ALA B 313 9.89 -14.87 1.80
CA ALA B 313 10.67 -13.78 2.40
C ALA B 313 10.53 -12.52 1.56
N GLY B 314 9.50 -11.74 1.84
CA GLY B 314 9.36 -10.40 1.31
C GLY B 314 8.72 -9.55 2.39
N HIS B 315 7.81 -8.65 2.01
CA HIS B 315 6.87 -8.09 2.98
C HIS B 315 7.57 -7.42 4.16
N ASP B 316 8.18 -6.27 3.92
CA ASP B 316 8.92 -5.54 4.95
C ASP B 316 8.04 -5.13 6.16
N ASN B 317 6.74 -5.47 6.21
CA ASN B 317 5.92 -5.25 7.39
C ASN B 317 5.22 -6.56 7.73
N ARG B 318 4.27 -6.51 8.66
CA ARG B 318 3.55 -7.69 9.09
C ARG B 318 2.68 -8.25 7.97
N VAL B 319 2.77 -9.56 7.76
CA VAL B 319 1.90 -10.22 6.80
C VAL B 319 0.54 -10.43 7.43
N SER B 320 -0.49 -9.80 6.85
CA SER B 320 -1.81 -9.80 7.42
C SER B 320 -2.75 -10.85 6.84
N CYS B 321 -2.58 -11.25 5.59
CA CYS B 321 -3.56 -12.11 4.95
C CYS B 321 -2.91 -13.05 3.95
N LEU B 322 -3.47 -14.26 3.84
CA LEU B 322 -3.03 -15.27 2.89
C LEU B 322 -4.20 -15.76 2.05
N GLY B 323 -3.88 -16.29 0.87
CA GLY B 323 -4.88 -16.91 0.04
C GLY B 323 -4.31 -17.89 -0.97
N VAL B 324 -4.97 -19.03 -1.13
CA VAL B 324 -4.57 -20.04 -2.10
C VAL B 324 -5.72 -20.24 -3.07
N THR B 325 -5.39 -20.38 -4.35
CA THR B 325 -6.42 -20.53 -5.38
C THR B 325 -7.12 -21.87 -5.24
N ASP B 326 -8.29 -21.98 -5.87
CA ASP B 326 -9.03 -23.23 -5.85
C ASP B 326 -8.29 -24.35 -6.57
N ASP B 327 -7.58 -24.01 -7.65
CA ASP B 327 -6.76 -25.00 -8.35
C ASP B 327 -5.36 -25.12 -7.77
N GLY B 328 -4.98 -24.25 -6.85
CA GLY B 328 -3.69 -24.33 -6.19
C GLY B 328 -2.51 -23.80 -6.98
N MET B 329 -2.75 -23.14 -8.11
CA MET B 329 -1.66 -22.68 -8.96
C MET B 329 -0.80 -21.62 -8.30
N ALA B 330 -1.34 -20.79 -7.41
CA ALA B 330 -0.56 -19.69 -6.85
C ALA B 330 -1.02 -19.42 -5.42
N VAL B 331 -0.27 -18.56 -4.74
CA VAL B 331 -0.61 -18.10 -3.40
C VAL B 331 -0.42 -16.60 -3.35
N ALA B 332 -1.45 -15.86 -2.99
CA ALA B 332 -1.33 -14.42 -2.83
C ALA B 332 -1.27 -14.06 -1.36
N THR B 333 -0.31 -13.21 -1.00
CA THR B 333 -0.10 -12.79 0.38
C THR B 333 -0.12 -11.27 0.46
N GLY B 334 -0.87 -10.77 1.42
CA GLY B 334 -0.93 -9.35 1.69
C GLY B 334 -0.38 -9.01 3.06
N SER B 335 0.32 -7.88 3.15
CA SER B 335 1.06 -7.50 4.34
C SER B 335 0.71 -6.08 4.72
N TRP B 336 1.29 -5.61 5.83
CA TRP B 336 1.05 -4.26 6.32
C TRP B 336 1.85 -3.20 5.58
N ASP B 337 2.74 -3.59 4.68
CA ASP B 337 3.51 -2.64 3.89
C ASP B 337 2.81 -2.25 2.59
N SER B 338 1.52 -2.56 2.46
CA SER B 338 0.69 -2.13 1.34
C SER B 338 1.12 -2.79 0.02
N PHE B 339 1.53 -4.06 0.09
CA PHE B 339 1.96 -4.79 -1.09
C PHE B 339 1.36 -6.19 -1.08
N LEU B 340 0.74 -6.56 -2.19
CA LEU B 340 0.26 -7.92 -2.42
C LEU B 340 1.27 -8.63 -3.31
N LYS B 341 1.74 -9.79 -2.88
CA LYS B 341 2.69 -10.57 -3.65
C LYS B 341 2.13 -11.95 -3.96
N ILE B 342 2.26 -12.36 -5.21
CA ILE B 342 1.78 -13.66 -5.67
C ILE B 342 2.99 -14.56 -5.87
N TRP B 343 2.90 -15.76 -5.32
CA TRP B 343 4.03 -16.69 -5.24
C TRP B 343 3.62 -17.99 -5.91
N ASN B 344 4.52 -18.54 -6.73
CA ASN B 344 4.26 -19.79 -7.42
C ASN B 344 5.56 -20.53 -7.67
N ILE C 9 -30.59 -21.27 38.34
CA ILE C 9 -31.36 -22.48 38.04
C ILE C 9 -31.54 -22.61 36.53
N ALA C 10 -31.43 -21.47 35.81
CA ALA C 10 -31.55 -21.49 34.36
C ALA C 10 -30.50 -20.63 33.69
N GLN C 11 -29.54 -20.10 34.44
CA GLN C 11 -28.45 -19.31 33.85
C GLN C 11 -27.46 -20.21 33.12
N ALA C 12 -27.08 -21.32 33.74
CA ALA C 12 -26.18 -22.30 33.12
C ALA C 12 -26.93 -23.49 32.56
N ARG C 13 -28.27 -23.46 32.53
CA ARG C 13 -29.03 -24.57 31.98
C ARG C 13 -28.73 -24.77 30.50
N LYS C 14 -28.65 -23.68 29.74
CA LYS C 14 -28.25 -23.79 28.34
C LYS C 14 -26.81 -24.30 28.21
N LEU C 15 -25.93 -23.86 29.10
CA LEU C 15 -24.55 -24.34 29.06
C LEU C 15 -24.48 -25.84 29.27
N VAL C 16 -25.14 -26.35 30.31
CA VAL C 16 -25.09 -27.77 30.59
C VAL C 16 -25.83 -28.57 29.52
N GLU C 17 -26.89 -28.03 28.94
CA GLU C 17 -27.56 -28.71 27.83
C GLU C 17 -26.63 -28.83 26.63
N GLN C 18 -25.92 -27.75 26.30
CA GLN C 18 -24.98 -27.79 25.20
C GLN C 18 -23.84 -28.78 25.47
N LEU C 19 -23.34 -28.80 26.70
CA LEU C 19 -22.29 -29.76 27.05
C LEU C 19 -22.78 -31.19 26.97
N LYS C 20 -24.01 -31.46 27.40
CA LYS C 20 -24.58 -32.79 27.26
C LYS C 20 -24.72 -33.17 25.79
N MET C 21 -25.13 -32.23 24.95
CA MET C 21 -25.18 -32.48 23.52
C MET C 21 -23.79 -32.74 22.94
N GLU C 22 -22.73 -32.23 23.58
CA GLU C 22 -21.37 -32.47 23.16
C GLU C 22 -20.78 -33.76 23.72
N ALA C 23 -21.56 -34.52 24.50
CA ALA C 23 -21.12 -35.81 25.01
C ALA C 23 -21.50 -36.97 24.10
N ASN C 24 -22.75 -37.04 23.67
CA ASN C 24 -23.20 -38.07 22.73
C ASN C 24 -22.74 -37.67 21.33
N ILE C 25 -21.49 -38.02 21.02
CA ILE C 25 -20.86 -37.68 19.76
C ILE C 25 -20.33 -38.96 19.13
N ASP C 26 -20.50 -39.07 17.81
CA ASP C 26 -19.99 -40.21 17.05
C ASP C 26 -18.47 -40.09 16.97
N ARG C 27 -17.81 -40.67 17.96
CA ARG C 27 -16.37 -40.48 18.16
C ARG C 27 -15.59 -41.37 17.20
N ILE C 28 -14.98 -40.75 16.20
CA ILE C 28 -14.03 -41.42 15.32
C ILE C 28 -12.63 -41.02 15.79
N LYS C 29 -11.82 -42.01 16.15
CA LYS C 29 -10.60 -41.77 16.89
C LYS C 29 -9.52 -41.13 16.00
N VAL C 30 -8.43 -40.72 16.64
CA VAL C 30 -7.35 -40.01 15.95
C VAL C 30 -6.60 -40.86 14.94
N SER C 31 -6.52 -42.17 15.15
CA SER C 31 -5.93 -43.07 14.18
C SER C 31 -6.89 -43.48 13.08
N LYS C 32 -8.21 -43.40 13.32
CA LYS C 32 -9.19 -43.63 12.27
C LYS C 32 -9.41 -42.37 11.44
N ALA C 33 -8.88 -41.23 11.87
CA ALA C 33 -9.07 -39.96 11.19
C ALA C 33 -7.77 -39.38 10.66
N ALA C 34 -6.62 -39.89 11.09
CA ALA C 34 -5.35 -39.45 10.50
C ALA C 34 -5.16 -40.07 9.12
N ALA C 35 -5.55 -41.33 8.97
CA ALA C 35 -5.47 -41.98 7.66
C ALA C 35 -6.35 -41.30 6.63
N ASP C 36 -7.44 -40.65 7.05
CA ASP C 36 -8.26 -39.90 6.10
C ASP C 36 -7.50 -38.73 5.49
N LEU C 37 -6.85 -37.91 6.32
CA LEU C 37 -6.04 -36.82 5.78
C LEU C 37 -4.85 -37.35 4.98
N MET C 38 -4.25 -38.46 5.44
CA MET C 38 -3.17 -39.07 4.68
C MET C 38 -3.63 -39.47 3.28
N ALA C 39 -4.76 -40.17 3.18
CA ALA C 39 -5.27 -40.59 1.87
C ALA C 39 -5.64 -39.39 1.02
N TYR C 40 -6.26 -38.36 1.62
CA TYR C 40 -6.62 -37.19 0.85
C TYR C 40 -5.40 -36.47 0.30
N CYS C 41 -4.34 -36.33 1.08
CA CYS C 41 -3.14 -35.66 0.61
C CYS C 41 -2.31 -36.50 -0.34
N GLU C 42 -2.43 -37.83 -0.29
CA GLU C 42 -1.73 -38.66 -1.26
C GLU C 42 -2.46 -38.74 -2.58
N ALA C 43 -3.79 -38.83 -2.54
CA ALA C 43 -4.57 -38.99 -3.76
C ALA C 43 -4.63 -37.71 -4.59
N HIS C 44 -4.36 -36.56 -4.00
CA HIS C 44 -4.41 -35.28 -4.70
C HIS C 44 -3.04 -34.63 -4.77
N ALA C 45 -1.98 -35.42 -4.59
CA ALA C 45 -0.63 -34.88 -4.57
C ALA C 45 -0.19 -34.36 -5.94
N LYS C 46 -0.42 -35.15 -7.00
CA LYS C 46 0.02 -34.75 -8.34
C LYS C 46 -0.78 -33.57 -8.89
N GLU C 47 -2.01 -33.37 -8.41
CA GLU C 47 -2.81 -32.25 -8.89
C GLU C 47 -2.49 -30.95 -8.17
N ASP C 48 -1.72 -31.01 -7.08
CA ASP C 48 -1.33 -29.81 -6.34
C ASP C 48 -0.19 -29.12 -7.08
N PRO C 49 -0.38 -27.89 -7.55
CA PRO C 49 0.66 -27.22 -8.35
C PRO C 49 1.81 -26.64 -7.55
N LEU C 50 1.76 -26.71 -6.22
CA LEU C 50 2.84 -26.16 -5.40
C LEU C 50 3.62 -27.23 -4.65
N LEU C 51 2.98 -28.34 -4.29
CA LEU C 51 3.70 -29.46 -3.70
C LEU C 51 4.72 -30.02 -4.70
N THR C 52 4.30 -30.19 -5.95
CA THR C 52 5.20 -30.59 -7.03
C THR C 52 5.22 -29.48 -8.07
N PRO C 53 6.39 -28.93 -8.41
CA PRO C 53 6.43 -27.82 -9.36
C PRO C 53 5.84 -28.19 -10.72
N VAL C 54 5.08 -27.26 -11.29
CA VAL C 54 4.41 -27.46 -12.56
C VAL C 54 5.36 -27.05 -13.68
N PRO C 55 5.30 -27.68 -14.86
CA PRO C 55 6.10 -27.18 -15.99
C PRO C 55 5.71 -25.76 -16.35
N ALA C 56 6.70 -24.98 -16.78
CA ALA C 56 6.50 -23.56 -17.06
C ALA C 56 5.64 -23.30 -18.30
N SER C 57 5.36 -24.32 -19.11
CA SER C 57 4.53 -24.14 -20.29
C SER C 57 3.06 -23.89 -19.95
N GLU C 58 2.54 -24.54 -18.90
CA GLU C 58 1.18 -24.33 -18.46
C GLU C 58 1.06 -23.34 -17.32
N ASN C 59 2.16 -22.72 -16.89
CA ASN C 59 2.15 -21.88 -15.71
C ASN C 59 1.71 -20.48 -16.10
N PRO C 60 0.58 -19.99 -15.58
CA PRO C 60 0.11 -18.63 -15.90
C PRO C 60 0.80 -17.53 -15.11
N PHE C 61 1.76 -17.86 -14.26
CA PHE C 61 2.48 -16.86 -13.48
C PHE C 61 3.98 -16.95 -13.73
N THR D 54 60.22 28.66 -12.55
CA THR D 54 60.22 27.63 -11.52
C THR D 54 61.37 27.85 -10.53
N CYS D 55 61.16 28.76 -9.59
CA CYS D 55 62.19 29.07 -8.60
C CYS D 55 62.27 27.94 -7.58
N PRO D 56 63.45 27.33 -7.38
CA PRO D 56 63.57 26.24 -6.38
C PRO D 56 63.63 26.79 -4.96
N MET D 57 62.47 27.14 -4.44
CA MET D 57 62.37 27.83 -3.16
C MET D 57 62.42 26.87 -1.99
N ASP D 58 62.58 27.43 -0.79
CA ASP D 58 62.52 26.65 0.44
C ASP D 58 61.08 26.25 0.73
N GLU D 59 60.89 24.97 1.09
CA GLU D 59 59.56 24.50 1.45
C GLU D 59 59.57 23.48 2.59
N LYS D 60 60.66 23.38 3.35
CA LYS D 60 60.73 22.36 4.40
C LYS D 60 59.69 22.60 5.48
N LEU D 61 59.58 23.84 5.98
CA LEU D 61 58.56 24.13 6.98
C LEU D 61 57.16 23.99 6.41
N LEU D 62 56.96 24.46 5.17
CA LEU D 62 55.68 24.26 4.50
C LEU D 62 55.37 22.79 4.33
N SER D 63 56.37 22.00 3.92
CA SER D 63 56.17 20.56 3.77
C SER D 63 55.77 19.93 5.09
N THR D 64 56.42 20.32 6.18
CA THR D 64 56.11 19.74 7.48
C THR D 64 54.69 20.09 7.92
N VAL D 65 54.30 21.37 7.80
CA VAL D 65 52.96 21.75 8.26
C VAL D 65 51.89 21.11 7.39
N LEU D 66 52.09 21.09 6.07
CA LEU D 66 51.14 20.42 5.19
C LEU D 66 51.05 18.93 5.50
N THR D 67 52.18 18.28 5.74
CA THR D 67 52.16 16.84 6.05
C THR D 67 51.38 16.57 7.33
N THR D 68 51.69 17.32 8.40
CA THR D 68 51.02 17.09 9.68
C THR D 68 49.53 17.35 9.56
N SER D 69 49.15 18.50 8.99
CA SER D 69 47.73 18.84 8.91
C SER D 69 46.97 17.87 8.03
N TYR D 70 47.56 17.49 6.88
CA TYR D 70 46.90 16.55 5.99
C TYR D 70 46.78 15.17 6.62
N SER D 71 47.77 14.74 7.39
CA SER D 71 47.67 13.44 8.07
C SER D 71 46.55 13.46 9.11
N VAL D 72 46.46 14.55 9.88
CA VAL D 72 45.40 14.65 10.88
C VAL D 72 44.03 14.64 10.20
N ILE D 73 43.89 15.45 9.13
CA ILE D 73 42.63 15.50 8.39
C ILE D 73 42.30 14.13 7.82
N PHE D 74 43.30 13.43 7.29
CA PHE D 74 43.07 12.13 6.68
C PHE D 74 42.56 11.12 7.70
N ILE D 75 43.20 11.04 8.86
CA ILE D 75 42.78 10.06 9.85
C ILE D 75 41.40 10.41 10.41
N VAL D 76 41.16 11.69 10.69
CA VAL D 76 39.88 12.09 11.25
C VAL D 76 38.76 11.84 10.24
N GLY D 77 38.99 12.21 8.98
CA GLY D 77 37.99 11.95 7.95
C GLY D 77 37.74 10.48 7.73
N LEU D 78 38.81 9.67 7.77
CA LEU D 78 38.65 8.23 7.59
C LEU D 78 37.76 7.65 8.67
N VAL D 79 38.07 7.95 9.94
CA VAL D 79 37.28 7.38 11.03
C VAL D 79 35.85 7.91 10.98
N GLY D 80 35.68 9.22 10.75
CA GLY D 80 34.35 9.78 10.73
C GLY D 80 33.49 9.26 9.60
N ASN D 81 34.07 9.13 8.41
CA ASN D 81 33.31 8.65 7.26
C ASN D 81 33.05 7.16 7.34
N ILE D 82 33.95 6.39 7.97
CA ILE D 82 33.65 4.98 8.20
C ILE D 82 32.47 4.85 9.16
N ILE D 83 32.48 5.64 10.24
CA ILE D 83 31.35 5.62 11.18
C ILE D 83 30.07 6.05 10.49
N ALA D 84 30.14 7.08 9.64
CA ALA D 84 28.97 7.55 8.91
C ALA D 84 28.44 6.47 7.97
N LEU D 85 29.32 5.78 7.26
CA LEU D 85 28.90 4.69 6.39
C LEU D 85 28.23 3.60 7.21
N TYR D 86 28.80 3.27 8.37
CA TYR D 86 28.22 2.24 9.22
C TYR D 86 26.82 2.62 9.69
N VAL D 87 26.64 3.87 10.12
CA VAL D 87 25.33 4.28 10.64
C VAL D 87 24.32 4.41 9.50
N PHE D 88 24.79 4.78 8.30
CA PHE D 88 23.87 4.92 7.17
C PHE D 88 23.46 3.58 6.57
N LEU D 89 24.28 2.53 6.71
CA LEU D 89 23.94 1.23 6.13
C LEU D 89 23.45 0.22 7.15
N GLY D 90 24.20 -0.01 8.23
CA GLY D 90 23.88 -1.10 9.13
C GLY D 90 22.56 -0.91 9.87
N ILE D 91 22.32 0.32 10.36
CA ILE D 91 21.20 0.58 11.25
C ILE D 91 20.07 1.37 10.59
N HIS D 92 20.29 1.95 9.41
CA HIS D 92 19.26 2.74 8.74
C HIS D 92 18.63 1.89 7.65
N ARG D 93 17.49 1.28 7.98
CA ARG D 93 16.77 0.46 7.01
C ARG D 93 16.14 1.30 5.91
N LYS D 94 15.45 2.36 6.30
CA LYS D 94 14.73 3.23 5.36
C LYS D 94 15.49 4.55 5.21
N ARG D 95 15.47 5.09 3.99
CA ARG D 95 16.21 6.29 3.66
C ARG D 95 15.29 7.30 2.98
N ASN D 96 15.48 8.57 3.33
CA ASN D 96 14.83 9.68 2.66
C ASN D 96 15.84 10.39 1.77
N SER D 97 15.40 11.47 1.11
CA SER D 97 16.26 12.16 0.15
C SER D 97 17.51 12.70 0.82
N ILE D 98 17.35 13.32 1.99
CA ILE D 98 18.48 13.91 2.70
C ILE D 98 19.47 12.83 3.12
N GLN D 99 18.97 11.67 3.55
CA GLN D 99 19.87 10.59 3.95
C GLN D 99 20.65 10.03 2.76
N ILE D 100 19.99 9.90 1.60
CA ILE D 100 20.71 9.47 0.39
C ILE D 100 21.79 10.47 0.03
N TYR D 101 21.44 11.76 0.07
CA TYR D 101 22.42 12.80 -0.24
C TYR D 101 23.61 12.73 0.71
N LEU D 102 23.35 12.54 2.00
CA LEU D 102 24.43 12.51 2.98
C LEU D 102 25.27 11.25 2.83
N LEU D 103 24.65 10.13 2.46
CA LEU D 103 25.42 8.92 2.17
C LEU D 103 26.36 9.15 1.00
N ASN D 104 25.88 9.81 -0.05
CA ASN D 104 26.75 10.10 -1.19
C ASN D 104 27.86 11.07 -0.81
N VAL D 105 27.55 12.04 0.05
CA VAL D 105 28.59 12.93 0.56
C VAL D 105 29.64 12.15 1.31
N ALA D 106 29.20 11.17 2.10
CA ALA D 106 30.14 10.32 2.84
C ALA D 106 31.02 9.53 1.88
N ILE D 107 30.43 9.01 0.79
CA ILE D 107 31.22 8.27 -0.19
C ILE D 107 32.26 9.18 -0.83
N ALA D 108 31.85 10.38 -1.23
CA ALA D 108 32.80 11.31 -1.86
C ALA D 108 33.91 11.69 -0.90
N ASP D 109 33.57 11.95 0.36
CA ASP D 109 34.59 12.27 1.35
C ASP D 109 35.51 11.08 1.59
N LEU D 110 34.98 9.86 1.54
CA LEU D 110 35.82 8.67 1.71
C LEU D 110 36.81 8.54 0.57
N LEU D 111 36.37 8.80 -0.66
CA LEU D 111 37.31 8.78 -1.79
C LEU D 111 38.37 9.88 -1.65
N LEU D 112 37.97 11.07 -1.19
CA LEU D 112 38.95 12.14 -1.00
C LEU D 112 39.95 11.76 0.10
N ILE D 113 39.47 11.13 1.17
CA ILE D 113 40.34 10.69 2.25
C ILE D 113 41.29 9.61 1.77
N PHE D 114 40.82 8.74 0.87
CA PHE D 114 41.71 7.75 0.26
C PHE D 114 42.72 8.41 -0.68
N CYS D 115 42.36 9.55 -1.27
CA CYS D 115 43.31 10.29 -2.10
C CYS D 115 44.40 10.93 -1.26
N LEU D 116 44.04 11.38 -0.05
CA LEU D 116 44.99 12.15 0.76
C LEU D 116 46.31 11.46 1.07
N PRO D 117 46.38 10.15 1.40
CA PRO D 117 47.68 9.57 1.78
C PRO D 117 48.75 9.72 0.73
N PHE D 118 48.39 9.71 -0.55
CA PHE D 118 49.37 10.02 -1.58
C PHE D 118 49.96 11.41 -1.38
N ARG D 119 49.09 12.38 -1.07
CA ARG D 119 49.56 13.74 -0.80
C ARG D 119 50.49 13.77 0.40
N ILE D 120 50.14 13.08 1.48
CA ILE D 120 50.97 13.18 2.68
C ILE D 120 52.32 12.49 2.46
N MET D 121 52.32 11.34 1.77
CA MET D 121 53.58 10.67 1.49
C MET D 121 54.46 11.51 0.58
N TYR D 122 53.86 12.13 -0.45
CA TYR D 122 54.61 13.02 -1.32
C TYR D 122 55.22 14.19 -0.56
N HIS D 123 54.44 14.78 0.35
CA HIS D 123 54.94 15.94 1.09
C HIS D 123 55.96 15.55 2.15
N ILE D 124 55.93 14.32 2.64
CA ILE D 124 56.83 13.94 3.72
C ILE D 124 58.12 13.31 3.23
N ASN D 125 58.10 12.56 2.12
CA ASN D 125 59.29 11.83 1.70
C ASN D 125 60.43 12.78 1.34
N GLN D 126 60.28 13.49 0.22
CA GLN D 126 61.28 14.49 -0.15
C GLN D 126 60.67 15.71 -0.85
N ASN D 127 59.36 15.90 -0.76
CA ASN D 127 58.65 16.90 -1.55
C ASN D 127 58.84 16.67 -3.05
N LYS D 128 58.98 15.41 -3.44
CA LYS D 128 59.11 15.02 -4.84
C LYS D 128 58.24 13.79 -5.10
N TRP D 129 57.80 13.65 -6.34
CA TRP D 129 56.93 12.55 -6.74
C TRP D 129 57.79 11.42 -7.29
N THR D 130 57.82 10.30 -6.57
CA THR D 130 58.67 9.18 -6.97
C THR D 130 58.09 8.43 -8.18
N LEU D 131 56.78 8.22 -8.19
CA LEU D 131 56.16 7.42 -9.23
C LEU D 131 55.94 8.23 -10.50
N GLY D 132 55.26 7.64 -11.47
CA GLY D 132 55.04 8.27 -12.75
C GLY D 132 54.00 9.37 -12.70
N VAL D 133 53.93 10.12 -13.81
CA VAL D 133 53.00 11.24 -13.91
C VAL D 133 51.56 10.76 -13.99
N ILE D 134 51.32 9.51 -14.37
CA ILE D 134 49.96 9.01 -14.53
C ILE D 134 49.22 9.03 -13.20
N LEU D 135 49.83 8.47 -12.16
CA LEU D 135 49.21 8.46 -10.84
C LEU D 135 49.06 9.87 -10.30
N CYS D 136 50.03 10.74 -10.58
CA CYS D 136 49.94 12.14 -10.16
C CYS D 136 48.70 12.79 -10.74
N LYS D 137 48.49 12.64 -12.05
CA LYS D 137 47.31 13.22 -12.68
C LYS D 137 46.03 12.59 -12.13
N VAL D 138 46.05 11.27 -11.92
CA VAL D 138 44.88 10.58 -11.39
C VAL D 138 44.47 11.18 -10.05
N VAL D 139 45.43 11.30 -9.12
CA VAL D 139 45.13 11.81 -7.80
C VAL D 139 44.71 13.26 -7.86
N GLY D 140 45.42 14.07 -8.65
CA GLY D 140 45.11 15.49 -8.73
C GLY D 140 43.69 15.73 -9.23
N THR D 141 43.26 14.98 -10.24
CA THR D 141 41.90 15.15 -10.73
C THR D 141 40.87 14.56 -9.76
N LEU D 142 41.18 13.40 -9.16
CA LEU D 142 40.20 12.72 -8.33
C LEU D 142 39.91 13.51 -7.06
N PHE D 143 40.95 14.08 -6.43
CA PHE D 143 40.75 14.91 -5.24
C PHE D 143 39.75 16.02 -5.52
N TYR D 144 39.99 16.79 -6.60
CA TYR D 144 39.15 17.94 -6.89
C TYR D 144 37.74 17.52 -7.30
N MET D 145 37.60 16.43 -8.06
CA MET D 145 36.27 16.03 -8.48
C MET D 145 35.45 15.52 -7.30
N ASN D 146 36.07 14.78 -6.38
CA ASN D 146 35.37 14.38 -5.16
C ASN D 146 34.98 15.59 -4.33
N MET D 147 35.87 16.57 -4.23
CA MET D 147 35.58 17.77 -3.46
C MET D 147 34.36 18.50 -4.03
N TYR D 148 34.31 18.63 -5.35
CA TYR D 148 33.19 19.36 -5.95
C TYR D 148 31.90 18.54 -5.93
N ILE D 149 31.98 17.21 -5.99
CA ILE D 149 30.79 16.39 -5.76
C ILE D 149 30.25 16.66 -4.35
N SER D 150 31.14 16.70 -3.37
CA SER D 150 30.71 16.99 -2.00
C SER D 150 30.06 18.36 -1.91
N ILE D 151 30.63 19.36 -2.57
CA ILE D 151 30.07 20.71 -2.52
C ILE D 151 28.67 20.73 -3.12
N ILE D 152 28.50 20.11 -4.30
CA ILE D 152 27.21 20.13 -4.98
C ILE D 152 26.17 19.40 -4.14
N LEU D 153 26.54 18.25 -3.56
CA LEU D 153 25.59 17.51 -2.76
C LEU D 153 25.23 18.24 -1.47
N LEU D 154 26.19 18.96 -0.87
CA LEU D 154 25.87 19.77 0.30
C LEU D 154 24.90 20.89 -0.06
N GLY D 155 25.08 21.50 -1.24
CA GLY D 155 24.11 22.48 -1.71
C GLY D 155 22.72 21.87 -1.86
N PHE D 156 22.64 20.66 -2.42
CA PHE D 156 21.35 20.01 -2.57
C PHE D 156 20.73 19.66 -1.22
N ILE D 157 21.57 19.26 -0.25
CA ILE D 157 21.08 19.00 1.10
C ILE D 157 20.47 20.27 1.69
N SER D 158 21.17 21.40 1.54
CA SER D 158 20.62 22.65 2.06
C SER D 158 19.31 22.99 1.38
N LEU D 159 19.23 22.80 0.06
CA LEU D 159 18.01 23.15 -0.67
C LEU D 159 16.83 22.29 -0.22
N ASP D 160 17.02 20.98 -0.14
CA ASP D 160 15.87 20.15 0.20
C ASP D 160 15.52 20.25 1.68
N ARG D 161 16.50 20.55 2.54
CA ARG D 161 16.17 20.87 3.93
C ARG D 161 15.30 22.12 3.98
N TYR D 162 15.63 23.14 3.18
CA TYR D 162 14.82 24.35 3.17
C TYR D 162 13.40 24.06 2.70
N ILE D 163 13.25 23.24 1.65
CA ILE D 163 11.90 22.96 1.16
C ILE D 163 11.15 22.07 2.14
N LYS D 164 11.85 21.22 2.89
CA LYS D 164 11.18 20.29 3.81
C LYS D 164 10.81 20.95 5.14
N ILE D 165 11.55 21.97 5.57
CA ILE D 165 11.30 22.58 6.87
C ILE D 165 10.46 23.84 6.72
N ASN D 166 10.98 24.83 5.99
CA ASN D 166 10.38 26.16 6.00
C ASN D 166 9.01 26.15 5.34
N ARG D 167 8.90 25.59 4.13
CA ARG D 167 7.69 25.76 3.34
C ARG D 167 6.81 24.50 3.29
N SER D 168 7.34 23.34 3.64
CA SER D 168 6.52 22.14 3.65
C SER D 168 5.44 22.26 4.72
N ILE D 169 4.23 21.88 4.37
CA ILE D 169 3.06 22.03 5.24
C ILE D 169 2.82 20.80 6.08
N GLN D 170 2.54 19.66 5.43
CA GLN D 170 2.34 18.40 6.14
C GLN D 170 3.44 17.40 5.80
N GLN D 171 3.56 17.02 4.54
CA GLN D 171 4.53 16.03 4.05
C GLN D 171 4.59 16.07 2.53
N ARG D 172 5.37 15.17 1.94
CA ARG D 172 5.32 14.89 0.51
C ARG D 172 5.25 13.39 0.26
N LYS D 173 4.69 12.64 1.22
CA LYS D 173 4.55 11.19 1.18
C LYS D 173 5.89 10.46 1.08
N ALA D 174 6.99 11.15 1.35
CA ALA D 174 8.33 10.54 1.36
C ALA D 174 8.65 9.89 0.01
N ILE D 175 8.16 10.49 -1.06
CA ILE D 175 8.46 10.06 -2.43
C ILE D 175 9.52 10.95 -3.07
N THR D 176 10.09 11.88 -2.32
CA THR D 176 11.16 12.72 -2.84
C THR D 176 12.44 11.94 -3.10
N THR D 177 12.53 10.70 -2.58
CA THR D 177 13.74 9.91 -2.76
C THR D 177 14.03 9.65 -4.24
N LYS D 178 12.98 9.46 -5.04
CA LYS D 178 13.19 9.14 -6.46
C LYS D 178 14.03 10.21 -7.13
N GLN D 179 13.63 11.48 -6.99
CA GLN D 179 14.42 12.56 -7.55
C GLN D 179 15.77 12.68 -6.85
N SER D 180 15.88 12.20 -5.61
CA SER D 180 17.17 12.22 -4.92
C SER D 180 18.18 11.31 -5.63
N ILE D 181 17.80 10.05 -5.87
CA ILE D 181 18.68 9.15 -6.61
C ILE D 181 18.88 9.65 -8.04
N TYR D 182 17.84 10.26 -8.64
CA TYR D 182 18.01 10.78 -9.99
C TYR D 182 19.09 11.85 -10.05
N VAL D 183 18.99 12.86 -9.19
CA VAL D 183 19.99 13.93 -9.15
C VAL D 183 21.36 13.38 -8.79
N CYS D 184 21.41 12.44 -7.85
CA CYS D 184 22.69 11.87 -7.45
C CYS D 184 23.37 11.16 -8.62
N CYS D 185 22.60 10.37 -9.37
CA CYS D 185 23.16 9.68 -10.52
C CYS D 185 23.60 10.66 -11.61
N ILE D 186 22.80 11.70 -11.85
CA ILE D 186 23.19 12.69 -12.86
C ILE D 186 24.51 13.35 -12.48
N VAL D 187 24.62 13.76 -11.21
CA VAL D 187 25.82 14.45 -10.76
C VAL D 187 27.03 13.52 -10.84
N TRP D 188 26.88 12.27 -10.39
CA TRP D 188 28.00 11.34 -10.41
C TRP D 188 28.44 11.02 -11.84
N MET D 189 27.47 10.82 -12.75
CA MET D 189 27.84 10.55 -14.14
C MET D 189 28.54 11.74 -14.77
N LEU D 190 28.05 12.97 -14.52
CA LEU D 190 28.72 14.14 -15.05
C LEU D 190 30.13 14.28 -14.48
N ALA D 191 30.29 13.99 -13.18
CA ALA D 191 31.60 14.06 -12.55
C ALA D 191 32.58 13.07 -13.16
N LEU D 192 32.16 11.82 -13.32
CA LEU D 192 33.06 10.82 -13.91
C LEU D 192 33.35 11.13 -15.38
N GLY D 193 32.37 11.66 -16.11
CA GLY D 193 32.63 12.04 -17.48
C GLY D 193 33.66 13.14 -17.59
N GLY D 194 33.52 14.18 -16.76
CA GLY D 194 34.50 15.25 -16.75
C GLY D 194 35.88 14.77 -16.32
N PHE D 195 35.91 13.91 -15.29
CA PHE D 195 37.18 13.34 -14.83
C PHE D 195 37.87 12.58 -15.96
N LEU D 196 37.14 11.69 -16.63
CA LEU D 196 37.72 10.88 -17.69
C LEU D 196 38.20 11.75 -18.84
N THR D 197 37.39 12.72 -19.28
CA THR D 197 37.78 13.53 -20.43
C THR D 197 39.01 14.38 -20.09
N MET D 198 39.04 14.99 -18.89
CA MET D 198 40.19 15.81 -18.53
C MET D 198 41.45 14.98 -18.37
N ILE D 199 41.35 13.79 -17.76
CA ILE D 199 42.55 12.97 -17.58
C ILE D 199 43.04 12.46 -18.92
N ILE D 200 42.14 12.09 -19.83
CA ILE D 200 42.57 11.56 -21.11
C ILE D 200 43.12 12.66 -22.00
N LEU D 201 42.67 13.90 -21.79
CA LEU D 201 43.28 15.02 -22.50
C LEU D 201 44.67 15.32 -21.96
N THR D 202 44.80 15.35 -20.63
CA THR D 202 46.06 15.72 -20.00
C THR D 202 47.15 14.69 -20.26
N LEU D 203 46.82 13.40 -20.15
CA LEU D 203 47.84 12.37 -20.26
C LEU D 203 48.44 12.30 -21.66
N LYS D 204 47.62 12.53 -22.69
CA LYS D 204 48.05 12.38 -24.07
C LYS D 204 48.43 13.71 -24.72
N LYS D 205 47.51 14.68 -24.75
CA LYS D 205 47.79 15.93 -25.43
C LYS D 205 48.85 16.74 -24.70
N GLY D 206 48.88 16.65 -23.36
CA GLY D 206 49.88 17.37 -22.58
C GLY D 206 51.19 16.62 -22.54
N GLY D 207 52.24 17.25 -23.03
CA GLY D 207 53.57 16.67 -23.04
C GLY D 207 54.42 16.95 -21.83
N HIS D 208 53.87 17.63 -20.82
CA HIS D 208 54.63 17.98 -19.62
C HIS D 208 54.63 16.80 -18.66
N ASN D 209 55.67 15.98 -18.77
CA ASN D 209 55.88 14.84 -17.89
C ASN D 209 57.15 15.05 -17.08
N SER D 210 57.02 14.98 -15.76
CA SER D 210 58.16 15.20 -14.87
C SER D 210 57.96 14.36 -13.62
N THR D 211 58.89 14.50 -12.67
CA THR D 211 58.85 13.79 -11.41
C THR D 211 58.37 14.67 -10.25
N MET D 212 57.80 15.83 -10.55
CA MET D 212 57.21 16.70 -9.54
C MET D 212 55.69 16.69 -9.68
N CYS D 213 55.00 16.67 -8.55
CA CYS D 213 53.54 16.61 -8.53
C CYS D 213 52.99 17.64 -7.55
N PHE D 214 51.72 18.00 -7.76
CA PHE D 214 51.00 18.95 -6.91
C PHE D 214 51.71 20.31 -6.86
N HIS D 215 52.55 20.60 -7.85
CA HIS D 215 53.35 21.81 -7.86
C HIS D 215 52.68 22.88 -8.70
N TYR D 216 53.24 24.08 -8.65
CA TYR D 216 52.71 25.19 -9.44
C TYR D 216 53.09 25.01 -10.91
N ARG D 217 52.11 25.18 -11.79
CA ARG D 217 52.32 25.04 -13.23
C ARG D 217 51.68 26.22 -13.95
N ASP D 218 52.22 26.53 -15.13
CA ASP D 218 51.60 27.51 -16.00
C ASP D 218 50.47 26.87 -16.78
N LYS D 219 49.49 27.69 -17.18
CA LYS D 219 48.34 27.22 -17.92
C LYS D 219 48.29 27.77 -19.35
N HIS D 220 49.42 28.25 -19.86
CA HIS D 220 49.47 28.67 -21.26
C HIS D 220 49.25 27.49 -22.20
N ASN D 221 49.86 26.35 -21.89
CA ASN D 221 49.71 25.17 -22.74
C ASN D 221 48.32 24.55 -22.58
N ALA D 222 47.69 24.76 -21.43
CA ALA D 222 46.37 24.21 -21.13
C ALA D 222 45.49 25.32 -20.58
N LYS D 223 44.74 25.98 -21.46
CA LYS D 223 43.81 27.03 -21.07
C LYS D 223 42.40 26.52 -20.80
N GLY D 224 42.04 25.38 -21.39
CA GLY D 224 40.75 24.78 -21.09
C GLY D 224 40.61 24.40 -19.63
N GLU D 225 41.69 23.88 -19.03
CA GLU D 225 41.66 23.58 -17.60
C GLU D 225 41.47 24.86 -16.79
N ALA D 226 42.11 25.96 -17.21
CA ALA D 226 41.96 27.21 -16.49
C ALA D 226 40.52 27.73 -16.55
N ILE D 227 39.93 27.73 -17.75
CA ILE D 227 38.57 28.23 -17.87
C ILE D 227 37.59 27.30 -17.14
N PHE D 228 37.85 26.00 -17.15
CA PHE D 228 36.99 25.07 -16.42
C PHE D 228 37.11 25.28 -14.92
N ASN D 229 38.32 25.58 -14.43
CA ASN D 229 38.49 25.91 -13.02
C ASN D 229 37.72 27.18 -12.67
N PHE D 230 37.77 28.19 -13.54
CA PHE D 230 37.04 29.42 -13.29
C PHE D 230 35.53 29.15 -13.23
N ILE D 231 35.03 28.33 -14.15
CA ILE D 231 33.61 27.97 -14.14
C ILE D 231 33.27 27.20 -12.88
N LEU D 232 34.15 26.29 -12.44
CA LEU D 232 33.92 25.57 -11.21
C LEU D 232 33.83 26.52 -10.02
N VAL D 233 34.70 27.53 -9.98
CA VAL D 233 34.67 28.49 -8.89
C VAL D 233 33.37 29.29 -8.89
N VAL D 234 32.92 29.74 -10.06
CA VAL D 234 31.72 30.56 -10.08
C VAL D 234 30.48 29.72 -9.73
N MET D 235 30.43 28.46 -10.18
CA MET D 235 29.30 27.62 -9.81
C MET D 235 29.34 27.27 -8.33
N PHE D 236 30.55 27.13 -7.76
CA PHE D 236 30.64 26.94 -6.32
C PHE D 236 30.10 28.15 -5.57
N TRP D 237 30.43 29.36 -6.04
CA TRP D 237 29.94 30.55 -5.36
C TRP D 237 28.42 30.66 -5.46
N LEU D 238 27.85 30.27 -6.59
CA LEU D 238 26.39 30.23 -6.69
C LEU D 238 25.80 29.21 -5.71
N ILE D 239 26.41 28.02 -5.62
CA ILE D 239 25.94 27.02 -4.68
C ILE D 239 26.04 27.53 -3.24
N PHE D 240 27.12 28.25 -2.93
CA PHE D 240 27.30 28.78 -1.58
C PHE D 240 26.26 29.84 -1.26
N LEU D 241 25.91 30.69 -2.24
CA LEU D 241 24.84 31.65 -2.03
C LEU D 241 23.52 30.94 -1.75
N LEU D 242 23.23 29.88 -2.52
CA LEU D 242 22.04 29.09 -2.25
C LEU D 242 22.06 28.53 -0.83
N ILE D 243 23.20 27.99 -0.42
CA ILE D 243 23.32 27.37 0.90
C ILE D 243 23.10 28.39 2.00
N ILE D 244 23.70 29.57 1.86
CA ILE D 244 23.61 30.57 2.92
C ILE D 244 22.19 31.09 3.03
N LEU D 245 21.52 31.36 1.90
CA LEU D 245 20.12 31.78 1.97
C LEU D 245 19.26 30.69 2.60
N SER D 246 19.46 29.43 2.19
CA SER D 246 18.66 28.33 2.71
C SER D 246 18.80 28.21 4.23
N TYR D 247 20.03 28.22 4.72
CA TYR D 247 20.23 28.00 6.15
C TYR D 247 19.84 29.22 6.97
N ILE D 248 20.04 30.43 6.45
CA ILE D 248 19.56 31.62 7.14
C ILE D 248 18.05 31.58 7.29
N LYS D 249 17.35 31.22 6.22
CA LYS D 249 15.89 31.15 6.28
C LYS D 249 15.42 30.05 7.23
N ILE D 250 16.06 28.89 7.20
CA ILE D 250 15.71 27.81 8.12
C ILE D 250 15.87 28.27 9.56
N GLY D 251 17.01 28.89 9.86
CA GLY D 251 17.26 29.33 11.23
C GLY D 251 16.28 30.38 11.69
N LYS D 252 15.97 31.36 10.83
CA LYS D 252 15.02 32.39 11.20
C LYS D 252 13.63 31.81 11.44
N ASN D 253 13.21 30.87 10.59
CA ASN D 253 11.89 30.26 10.77
C ASN D 253 11.83 29.47 12.06
N LEU D 254 12.90 28.71 12.36
CA LEU D 254 12.90 27.95 13.60
C LEU D 254 12.89 28.88 14.82
N LEU D 255 13.64 29.98 14.77
CA LEU D 255 13.63 30.92 15.87
C LEU D 255 12.26 31.55 16.06
N ARG D 256 11.58 31.92 14.97
CA ARG D 256 10.26 32.52 15.13
C ARG D 256 9.25 31.51 15.66
N ILE D 257 9.34 30.25 15.22
CA ILE D 257 8.45 29.22 15.75
C ILE D 257 8.70 29.02 17.24
N SER D 258 9.96 28.94 17.66
CA SER D 258 10.25 28.76 19.07
C SER D 258 9.84 29.98 19.90
N LYS D 259 10.02 31.19 19.37
CA LYS D 259 9.69 32.39 20.13
C LYS D 259 8.19 32.61 20.21
N ARG D 260 7.42 32.07 19.26
CA ARG D 260 5.97 32.16 19.37
C ARG D 260 5.47 31.46 20.63
N ARG D 261 6.01 30.27 20.90
CA ARG D 261 5.68 29.47 22.08
C ARG D 261 4.16 29.30 22.18
N SER D 262 3.63 28.57 21.21
CA SER D 262 2.22 28.18 21.28
C SER D 262 2.05 27.00 22.23
N LYS D 263 3.16 26.42 22.69
CA LYS D 263 3.18 25.14 23.38
C LYS D 263 4.38 25.07 24.31
N PHE D 264 4.15 24.65 25.54
CA PHE D 264 5.27 24.45 26.48
C PHE D 264 6.21 23.34 26.05
N PRO D 265 5.75 22.15 25.64
CA PRO D 265 6.71 21.08 25.31
C PRO D 265 7.59 21.45 24.13
N ASN D 266 8.80 20.88 24.14
CA ASN D 266 9.84 20.95 23.10
C ASN D 266 9.90 22.30 22.39
N SER D 267 9.77 23.38 23.15
CA SER D 267 10.01 24.72 22.61
C SER D 267 11.48 25.09 22.60
N GLY D 268 12.33 24.34 23.32
CA GLY D 268 13.75 24.57 23.34
C GLY D 268 14.49 23.76 22.30
N LYS D 269 13.82 22.74 21.75
CA LYS D 269 14.42 21.96 20.68
C LYS D 269 14.42 22.74 19.37
N TYR D 270 13.45 23.62 19.16
CA TYR D 270 13.43 24.44 17.96
C TYR D 270 14.59 25.44 17.97
N ALA D 271 14.85 26.05 19.13
CA ALA D 271 16.01 26.93 19.24
C ALA D 271 17.31 26.17 19.02
N THR D 272 17.39 24.94 19.54
CA THR D 272 18.57 24.11 19.30
C THR D 272 18.74 23.83 17.81
N THR D 273 17.64 23.52 17.11
CA THR D 273 17.74 23.24 15.68
C THR D 273 18.14 24.48 14.89
N ALA D 274 17.63 25.65 15.28
CA ALA D 274 18.05 26.88 14.62
C ALA D 274 19.54 27.14 14.85
N ARG D 275 20.01 26.92 16.07
CA ARG D 275 21.43 27.07 16.35
C ARG D 275 22.25 26.08 15.52
N ASN D 276 21.75 24.86 15.35
CA ASN D 276 22.44 23.87 14.53
C ASN D 276 22.51 24.31 13.08
N SER D 277 21.43 24.88 12.55
CA SER D 277 21.45 25.38 11.18
C SER D 277 22.50 26.47 11.03
N PHE D 278 22.55 27.40 11.99
CA PHE D 278 23.56 28.44 11.94
C PHE D 278 24.98 27.85 12.03
N ILE D 279 25.15 26.83 12.88
CA ILE D 279 26.48 26.25 13.08
C ILE D 279 26.96 25.55 11.81
N VAL D 280 26.08 24.79 11.16
CA VAL D 280 26.49 24.11 9.93
C VAL D 280 26.78 25.12 8.83
N LEU D 281 25.99 26.21 8.75
CA LEU D 281 26.30 27.25 7.79
C LEU D 281 27.68 27.86 8.05
N ILE D 282 27.98 28.16 9.32
CA ILE D 282 29.28 28.76 9.66
C ILE D 282 30.42 27.79 9.34
N ILE D 283 30.23 26.50 9.62
CA ILE D 283 31.29 25.53 9.36
C ILE D 283 31.56 25.43 7.86
N PHE D 284 30.50 25.33 7.06
CA PHE D 284 30.68 25.30 5.61
C PHE D 284 31.41 26.55 5.13
N THR D 285 31.00 27.72 5.64
CA THR D 285 31.63 28.97 5.22
C THR D 285 33.11 28.98 5.55
N ILE D 286 33.46 28.71 6.81
CA ILE D 286 34.86 28.81 7.22
C ILE D 286 35.69 27.74 6.52
N CYS D 287 35.09 26.62 6.15
CA CYS D 287 35.86 25.59 5.45
C CYS D 287 36.08 25.94 3.99
N PHE D 288 35.14 26.62 3.34
CA PHE D 288 35.21 26.72 1.88
C PHE D 288 35.45 28.12 1.32
N VAL D 289 34.91 29.18 1.91
CA VAL D 289 34.92 30.49 1.23
C VAL D 289 36.34 31.03 0.99
N PRO D 290 37.30 30.94 1.92
CA PRO D 290 38.59 31.57 1.65
C PRO D 290 39.32 30.93 0.46
N TYR D 291 39.20 29.63 0.28
CA TYR D 291 39.88 28.96 -0.82
C TYR D 291 39.39 29.48 -2.16
N HIS D 292 38.08 29.51 -2.36
CA HIS D 292 37.53 29.99 -3.62
C HIS D 292 37.62 31.49 -3.75
N ALA D 293 37.85 32.21 -2.64
CA ALA D 293 38.17 33.63 -2.74
C ALA D 293 39.58 33.83 -3.29
N PHE D 294 40.54 33.00 -2.86
CA PHE D 294 41.90 33.13 -3.34
C PHE D 294 42.12 32.48 -4.70
N ARG D 295 41.28 31.52 -5.09
CA ARG D 295 41.48 30.84 -6.36
C ARG D 295 41.29 31.79 -7.55
N PHE D 296 40.53 32.88 -7.35
CA PHE D 296 40.44 33.89 -8.41
C PHE D 296 41.80 34.51 -8.69
N ILE D 297 42.52 34.91 -7.64
CA ILE D 297 43.86 35.44 -7.80
C ILE D 297 44.80 34.36 -8.33
N TYR D 298 44.59 33.12 -7.90
CA TYR D 298 45.38 32.00 -8.41
C TYR D 298 45.27 31.90 -9.92
N ILE D 299 44.04 31.92 -10.45
CA ILE D 299 43.83 31.85 -11.89
C ILE D 299 44.40 33.08 -12.58
N SER D 300 44.19 34.27 -11.99
CA SER D 300 44.67 35.50 -12.61
C SER D 300 46.18 35.48 -12.77
N SER D 301 46.91 35.04 -11.73
CA SER D 301 48.36 34.99 -11.82
C SER D 301 48.84 33.81 -12.66
N GLN D 302 48.06 32.74 -12.72
CA GLN D 302 48.50 31.51 -13.37
C GLN D 302 48.39 31.57 -14.89
N LEU D 303 47.68 32.55 -15.44
CA LEU D 303 47.46 32.64 -16.88
C LEU D 303 48.30 33.70 -17.55
N ASN D 304 49.14 34.42 -16.81
CA ASN D 304 49.99 35.44 -17.40
C ASN D 304 51.38 35.33 -16.82
N VAL D 305 52.36 35.84 -17.57
CA VAL D 305 53.75 35.77 -17.17
C VAL D 305 54.01 36.79 -16.07
N SER D 306 54.69 36.35 -15.01
CA SER D 306 55.04 37.23 -13.91
C SER D 306 56.21 36.63 -13.15
N SER D 307 56.89 37.49 -12.38
CA SER D 307 58.00 37.03 -11.55
C SER D 307 57.50 36.08 -10.48
N CYS D 308 58.37 35.16 -10.06
CA CYS D 308 57.96 34.13 -9.12
C CYS D 308 57.79 34.64 -7.69
N TYR D 309 58.17 35.91 -7.43
CA TYR D 309 58.02 36.47 -6.09
C TYR D 309 56.56 36.48 -5.66
N TRP D 310 55.65 36.83 -6.57
CA TRP D 310 54.22 36.65 -6.31
C TRP D 310 53.88 35.16 -6.21
N LYS D 311 54.62 34.32 -6.93
CA LYS D 311 54.21 32.93 -7.10
C LYS D 311 54.43 32.12 -5.83
N GLU D 312 55.48 32.40 -5.05
CA GLU D 312 55.65 31.57 -3.85
C GLU D 312 54.53 31.80 -2.85
N ILE D 313 54.15 33.06 -2.64
CA ILE D 313 53.07 33.34 -1.70
C ILE D 313 51.74 32.85 -2.25
N VAL D 314 51.55 32.93 -3.57
CA VAL D 314 50.33 32.38 -4.17
C VAL D 314 50.24 30.88 -3.92
N HIS D 315 51.34 30.15 -4.13
CA HIS D 315 51.32 28.70 -3.93
C HIS D 315 51.12 28.34 -2.47
N LYS D 316 51.78 29.05 -1.56
CA LYS D 316 51.60 28.77 -0.14
C LYS D 316 50.16 29.01 0.28
N THR D 317 49.57 30.12 -0.15
CA THR D 317 48.18 30.40 0.18
C THR D 317 47.26 29.34 -0.40
N ASN D 318 47.54 28.89 -1.63
CA ASN D 318 46.71 27.84 -2.23
C ASN D 318 46.79 26.55 -1.42
N GLU D 319 47.98 26.19 -0.95
CA GLU D 319 48.10 24.98 -0.15
C GLU D 319 47.33 25.10 1.17
N ILE D 320 47.45 26.26 1.83
CA ILE D 320 46.72 26.46 3.09
C ILE D 320 45.22 26.40 2.84
N MET D 321 44.77 26.99 1.74
CA MET D 321 43.35 26.98 1.43
C MET D 321 42.85 25.58 1.10
N LEU D 322 43.68 24.77 0.43
CA LEU D 322 43.32 23.37 0.23
C LEU D 322 43.20 22.64 1.56
N VAL D 323 44.07 22.95 2.51
CA VAL D 323 43.94 22.37 3.84
C VAL D 323 42.60 22.72 4.46
N LEU D 324 42.24 24.01 4.40
CA LEU D 324 40.96 24.45 4.95
C LEU D 324 39.79 23.73 4.26
N SER D 325 39.85 23.60 2.94
CA SER D 325 38.76 22.97 2.20
C SER D 325 38.64 21.49 2.57
N SER D 326 39.77 20.79 2.62
CA SER D 326 39.75 19.36 2.92
C SER D 326 39.38 19.07 4.37
N PHE D 327 39.53 20.05 5.26
CA PHE D 327 39.15 19.83 6.65
C PHE D 327 37.63 19.69 6.79
N ASN D 328 36.87 20.23 5.84
CA ASN D 328 35.42 19.99 5.80
C ASN D 328 35.11 18.53 5.57
N SER D 329 35.95 17.84 4.78
CA SER D 329 35.70 16.42 4.52
C SER D 329 35.70 15.61 5.82
N CYS D 330 36.53 16.01 6.78
CA CYS D 330 36.53 15.32 8.06
C CYS D 330 35.47 15.86 9.01
N LEU D 331 35.16 17.16 8.93
CA LEU D 331 34.14 17.71 9.82
C LEU D 331 32.74 17.22 9.48
N ASP D 332 32.47 16.91 8.22
CA ASP D 332 31.08 16.74 7.79
C ASP D 332 30.34 15.63 8.52
N PRO D 333 30.87 14.41 8.67
CA PRO D 333 30.12 13.40 9.45
C PRO D 333 29.92 13.77 10.91
N VAL D 334 30.86 14.50 11.50
CA VAL D 334 30.78 14.85 12.92
C VAL D 334 29.60 15.78 13.16
N MET D 335 29.32 16.67 12.21
CA MET D 335 28.16 17.55 12.34
C MET D 335 26.87 16.73 12.39
N TYR D 336 26.74 15.74 11.51
CA TYR D 336 25.55 14.90 11.52
C TYR D 336 25.45 14.11 12.83
N PHE D 337 26.58 13.59 13.31
CA PHE D 337 26.55 12.84 14.57
C PHE D 337 26.15 13.72 15.74
N LEU D 338 26.68 14.94 15.81
CA LEU D 338 26.40 15.79 16.96
C LEU D 338 24.99 16.37 16.91
N MET D 339 24.55 16.82 15.74
CA MET D 339 23.31 17.56 15.62
C MET D 339 22.07 16.67 15.63
N SER D 340 22.22 15.37 15.45
CA SER D 340 21.09 14.44 15.55
C SER D 340 20.81 14.17 17.02
N SER D 341 19.57 14.44 17.44
CA SER D 341 19.23 14.31 18.85
C SER D 341 19.37 12.88 19.33
N ASN D 342 18.86 11.92 18.55
CA ASN D 342 18.96 10.52 18.93
C ASN D 342 20.41 10.06 18.98
N ILE D 343 21.21 10.45 17.99
CA ILE D 343 22.62 10.06 17.98
C ILE D 343 23.37 10.73 19.13
N ARG D 344 23.05 11.99 19.42
CA ARG D 344 23.70 12.67 20.54
C ARG D 344 23.37 11.99 21.86
N LYS D 345 22.11 11.59 22.06
CA LYS D 345 21.74 10.87 23.27
C LYS D 345 22.42 9.52 23.34
N ILE D 346 22.54 8.83 22.20
CA ILE D 346 23.23 7.54 22.18
C ILE D 346 24.70 7.73 22.59
N MET D 347 25.34 8.76 22.06
CA MET D 347 26.73 9.04 22.42
C MET D 347 26.85 9.37 23.91
N CYS D 348 25.90 10.15 24.44
CA CYS D 348 25.94 10.51 25.85
C CYS D 348 25.77 9.29 26.75
N GLN D 349 24.85 8.39 26.40
CA GLN D 349 24.58 7.24 27.25
C GLN D 349 25.67 6.19 27.13
N LEU D 350 26.28 6.05 25.95
CA LEU D 350 27.37 5.09 25.80
C LEU D 350 28.64 5.58 26.50
N LEU D 351 28.92 6.87 26.42
CA LEU D 351 30.08 7.44 27.09
C LEU D 351 29.78 7.70 28.57
N VAL E 2 -30.78 1.86 -19.10
CA VAL E 2 -29.73 2.35 -19.97
C VAL E 2 -30.34 2.80 -21.30
N GLN E 3 -30.03 4.03 -21.71
CA GLN E 3 -30.64 4.59 -22.91
C GLN E 3 -29.60 5.46 -23.62
N LEU E 4 -29.16 5.02 -24.80
CA LEU E 4 -28.33 5.83 -25.67
C LEU E 4 -29.17 6.35 -26.82
N VAL E 5 -29.18 7.67 -26.99
CA VAL E 5 -30.02 8.30 -28.01
C VAL E 5 -29.14 9.14 -28.92
N GLU E 6 -29.25 8.90 -30.23
CA GLU E 6 -28.45 9.61 -31.21
C GLU E 6 -29.27 10.70 -31.90
N SER E 7 -28.56 11.72 -32.37
CA SER E 7 -29.18 12.83 -33.09
C SER E 7 -28.16 13.42 -34.04
N GLY E 8 -28.66 14.11 -35.07
CA GLY E 8 -27.80 14.74 -36.05
C GLY E 8 -28.03 14.21 -37.45
N GLY E 9 -28.87 13.19 -37.57
CA GLY E 9 -29.15 12.61 -38.88
C GLY E 9 -30.01 13.52 -39.74
N GLY E 10 -30.09 13.17 -41.00
CA GLY E 10 -30.86 13.95 -41.96
C GLY E 10 -30.22 13.87 -43.32
N LEU E 11 -30.64 14.80 -44.19
CA LEU E 11 -30.16 14.87 -45.56
C LEU E 11 -29.16 15.99 -45.72
N VAL E 12 -28.01 15.68 -46.30
CA VAL E 12 -26.95 16.65 -46.50
C VAL E 12 -26.38 16.51 -47.91
N GLN E 13 -25.91 17.65 -48.48
CA GLN E 13 -25.27 17.76 -49.78
C GLN E 13 -23.81 17.31 -49.70
N PRO E 14 -23.25 16.82 -50.81
CA PRO E 14 -21.85 16.40 -50.80
C PRO E 14 -20.91 17.56 -50.52
N GLY E 15 -19.80 17.23 -49.85
CA GLY E 15 -18.80 18.20 -49.50
C GLY E 15 -19.05 18.94 -48.21
N GLY E 16 -20.18 18.70 -47.55
CA GLY E 16 -20.50 19.36 -46.31
C GLY E 16 -19.90 18.66 -45.10
N SER E 17 -20.18 19.23 -43.93
CA SER E 17 -19.71 18.68 -42.67
C SER E 17 -20.89 18.61 -41.71
N ARG E 18 -20.95 17.54 -40.92
CA ARG E 18 -22.05 17.32 -39.99
C ARG E 18 -21.51 16.90 -38.64
N LYS E 19 -22.39 16.81 -37.66
CA LYS E 19 -22.01 16.41 -36.32
C LYS E 19 -23.09 15.50 -35.75
N LEU E 20 -22.69 14.36 -35.22
CA LEU E 20 -23.61 13.40 -34.63
C LEU E 20 -23.38 13.33 -33.14
N SER E 21 -24.47 13.47 -32.38
CA SER E 21 -24.42 13.46 -30.92
C SER E 21 -25.05 12.17 -30.41
N CYS E 22 -24.45 11.62 -29.35
CA CYS E 22 -24.90 10.40 -28.70
C CYS E 22 -25.02 10.72 -27.22
N SER E 23 -26.26 10.89 -26.74
CA SER E 23 -26.50 11.20 -25.34
C SER E 23 -26.80 9.92 -24.58
N ALA E 24 -26.08 9.70 -23.48
CA ALA E 24 -26.24 8.53 -22.64
C ALA E 24 -27.01 8.90 -21.38
N SER E 25 -27.91 8.02 -20.97
CA SER E 25 -28.68 8.24 -19.74
C SER E 25 -29.05 6.88 -19.17
N GLY E 26 -28.42 6.50 -18.07
CA GLY E 26 -28.76 5.28 -17.40
C GLY E 26 -27.58 4.41 -17.01
N PHE E 27 -26.37 4.92 -17.17
CA PHE E 27 -25.17 4.18 -16.80
C PHE E 27 -23.99 5.15 -16.68
N ALA E 28 -22.86 4.62 -16.23
CA ALA E 28 -21.64 5.40 -16.03
C ALA E 28 -20.93 5.57 -17.36
N PHE E 29 -21.28 6.64 -18.08
CA PHE E 29 -20.66 6.92 -19.37
C PHE E 29 -19.15 7.12 -19.28
N SER E 30 -18.67 7.67 -18.16
CA SER E 30 -17.24 7.95 -18.01
C SER E 30 -16.39 6.69 -17.86
N SER E 31 -17.00 5.54 -17.56
CA SER E 31 -16.27 4.30 -17.36
C SER E 31 -16.36 3.36 -18.56
N PHE E 32 -16.99 3.81 -19.65
CA PHE E 32 -17.21 2.99 -20.82
C PHE E 32 -16.46 3.57 -22.01
N GLY E 33 -15.67 2.74 -22.68
CA GLY E 33 -15.25 3.07 -24.04
C GLY E 33 -16.44 3.06 -24.97
N MET E 34 -16.30 3.76 -26.09
CA MET E 34 -17.44 4.01 -26.97
C MET E 34 -17.05 3.79 -28.42
N HIS E 35 -17.87 3.05 -29.15
CA HIS E 35 -17.69 2.79 -30.57
C HIS E 35 -18.78 3.47 -31.39
N TRP E 36 -18.38 4.02 -32.53
CA TRP E 36 -19.31 4.46 -33.56
C TRP E 36 -19.27 3.41 -34.67
N VAL E 37 -20.44 2.85 -35.00
CA VAL E 37 -20.57 1.84 -36.04
C VAL E 37 -21.56 2.37 -37.06
N ARG E 38 -21.48 1.89 -38.30
CA ARG E 38 -22.43 2.30 -39.33
C ARG E 38 -22.91 1.09 -40.11
N GLN E 39 -24.09 1.24 -40.70
CA GLN E 39 -24.69 0.19 -41.52
C GLN E 39 -25.30 0.83 -42.75
N ALA E 40 -24.83 0.44 -43.92
CA ALA E 40 -25.39 0.95 -45.16
C ALA E 40 -26.78 0.35 -45.39
N PRO E 41 -27.63 1.02 -46.16
CA PRO E 41 -28.97 0.49 -46.44
C PRO E 41 -28.90 -0.90 -47.08
N GLU E 42 -29.51 -1.86 -46.40
CA GLU E 42 -29.61 -3.27 -46.83
C GLU E 42 -28.29 -3.81 -47.38
N LYS E 43 -27.16 -3.37 -46.81
CA LYS E 43 -25.86 -3.89 -47.18
C LYS E 43 -25.17 -4.61 -46.04
N GLY E 44 -25.01 -3.99 -44.88
CA GLY E 44 -24.38 -4.63 -43.75
C GLY E 44 -23.72 -3.61 -42.84
N LEU E 45 -23.28 -4.10 -41.68
CA LEU E 45 -22.65 -3.25 -40.68
C LEU E 45 -21.20 -2.97 -41.06
N GLU E 46 -20.69 -1.84 -40.55
CA GLU E 46 -19.32 -1.42 -40.86
C GLU E 46 -18.86 -0.48 -39.76
N TRP E 47 -17.82 -0.87 -39.03
CA TRP E 47 -17.33 -0.09 -37.90
C TRP E 47 -16.72 1.22 -38.37
N VAL E 48 -16.90 2.27 -37.57
CA VAL E 48 -16.41 3.59 -37.92
C VAL E 48 -15.23 3.98 -37.04
N ALA E 49 -15.45 4.06 -35.73
CA ALA E 49 -14.42 4.62 -34.85
C ALA E 49 -14.59 4.10 -33.43
N TYR E 50 -13.56 4.33 -32.62
CA TYR E 50 -13.57 3.89 -31.23
C TYR E 50 -12.77 4.87 -30.38
N ILE E 51 -13.26 5.15 -29.17
CA ILE E 51 -12.57 5.99 -28.21
C ILE E 51 -12.62 5.32 -26.85
N SER E 52 -11.46 5.15 -26.22
CA SER E 52 -11.38 4.44 -24.97
C SER E 52 -11.87 5.32 -23.82
N SER E 53 -11.89 4.75 -22.61
CA SER E 53 -12.25 5.50 -21.42
C SER E 53 -11.20 6.57 -21.12
N GLY E 54 -11.67 7.76 -20.75
CA GLY E 54 -10.76 8.85 -20.49
C GLY E 54 -10.21 9.53 -21.72
N SER E 55 -10.72 9.20 -22.91
CA SER E 55 -10.33 9.81 -24.17
C SER E 55 -8.84 9.61 -24.48
N GLY E 56 -8.25 8.54 -23.98
CA GLY E 56 -6.83 8.29 -24.20
C GLY E 56 -6.51 7.73 -25.58
N THR E 57 -7.14 6.61 -25.92
CA THR E 57 -6.90 5.94 -27.19
C THR E 57 -8.05 6.24 -28.15
N ILE E 58 -7.73 6.60 -29.38
CA ILE E 58 -8.72 6.83 -30.43
C ILE E 58 -8.29 6.04 -31.67
N TYR E 59 -9.23 5.33 -32.26
CA TYR E 59 -9.01 4.55 -33.46
C TYR E 59 -10.05 4.91 -34.51
N TYR E 60 -9.61 5.03 -35.76
CA TYR E 60 -10.50 5.30 -36.88
C TYR E 60 -10.39 4.15 -37.88
N ALA E 61 -11.45 3.99 -38.68
CA ALA E 61 -11.41 3.03 -39.76
C ALA E 61 -10.50 3.54 -40.87
N ASP E 62 -9.63 2.65 -41.36
CA ASP E 62 -8.64 3.04 -42.35
C ASP E 62 -9.26 3.63 -43.61
N THR E 63 -10.49 3.26 -43.93
CA THR E 63 -11.16 3.82 -45.11
C THR E 63 -11.53 5.28 -44.90
N VAL E 64 -11.67 5.71 -43.64
CA VAL E 64 -12.16 7.05 -43.36
C VAL E 64 -11.20 7.74 -42.38
N LYS E 65 -10.12 7.05 -42.03
CA LYS E 65 -9.18 7.57 -41.04
C LYS E 65 -8.63 8.92 -41.46
N GLY E 66 -8.63 9.87 -40.52
CA GLY E 66 -8.19 11.22 -40.80
C GLY E 66 -9.27 12.13 -41.35
N ARG E 67 -10.46 11.62 -41.63
CA ARG E 67 -11.54 12.43 -42.18
C ARG E 67 -12.70 12.59 -41.22
N PHE E 68 -12.82 11.73 -40.21
CA PHE E 68 -13.76 11.90 -39.12
C PHE E 68 -13.01 12.36 -37.87
N THR E 69 -13.77 12.77 -36.86
CA THR E 69 -13.19 13.19 -35.58
C THR E 69 -14.08 12.70 -34.45
N ILE E 70 -13.45 12.28 -33.36
CA ILE E 70 -14.13 11.69 -32.21
C ILE E 70 -13.93 12.59 -31.00
N SER E 71 -15.02 12.94 -30.32
CA SER E 71 -14.96 13.78 -29.14
C SER E 71 -15.82 13.21 -28.04
N ARG E 72 -15.47 13.54 -26.79
CA ARG E 72 -16.13 12.97 -25.64
C ARG E 72 -16.33 14.04 -24.57
N ASP E 73 -17.50 14.02 -23.92
CA ASP E 73 -17.80 14.92 -22.80
C ASP E 73 -18.27 14.05 -21.63
N ASP E 74 -17.37 13.81 -20.68
CA ASP E 74 -17.62 13.00 -19.50
C ASP E 74 -18.43 13.74 -18.44
N PRO E 75 -18.16 15.02 -18.15
CA PRO E 75 -19.04 15.77 -17.25
C PRO E 75 -20.43 16.02 -17.80
N LYS E 76 -20.69 15.67 -19.05
CA LYS E 76 -21.99 15.83 -19.68
C LYS E 76 -22.54 14.53 -20.25
N ASN E 77 -21.71 13.49 -20.37
CA ASN E 77 -22.11 12.19 -20.92
C ASN E 77 -22.63 12.33 -22.35
N THR E 78 -21.75 12.83 -23.23
CA THR E 78 -22.12 13.04 -24.62
C THR E 78 -20.97 12.61 -25.52
N LEU E 79 -21.28 11.84 -26.55
CA LEU E 79 -20.32 11.38 -27.55
C LEU E 79 -20.53 12.17 -28.83
N PHE E 80 -19.45 12.73 -29.38
CA PHE E 80 -19.54 13.50 -30.62
C PHE E 80 -18.75 12.83 -31.73
N LEU E 81 -19.37 12.74 -32.90
CA LEU E 81 -18.68 12.35 -34.12
C LEU E 81 -18.79 13.51 -35.11
N GLN E 82 -17.68 14.18 -35.36
CA GLN E 82 -17.61 15.34 -36.23
C GLN E 82 -17.12 14.87 -37.59
N MET E 83 -17.98 14.98 -38.61
CA MET E 83 -17.65 14.47 -39.93
C MET E 83 -17.36 15.64 -40.86
N THR E 84 -16.17 15.65 -41.44
CA THR E 84 -15.64 16.79 -42.17
C THR E 84 -16.13 16.86 -43.61
N SER E 85 -15.92 15.81 -44.39
CA SER E 85 -16.35 15.77 -45.78
C SER E 85 -17.11 14.47 -46.03
N LEU E 86 -18.21 14.56 -46.77
CA LEU E 86 -19.12 13.44 -46.95
C LEU E 86 -19.28 13.13 -48.42
N ARG E 87 -18.93 11.90 -48.81
CA ARG E 87 -19.13 11.42 -50.16
C ARG E 87 -20.49 10.71 -50.24
N SER E 88 -20.72 9.99 -51.35
CA SER E 88 -21.97 9.26 -51.54
C SER E 88 -21.99 7.93 -50.81
N GLU E 89 -20.89 7.54 -50.16
CA GLU E 89 -20.82 6.30 -49.41
C GLU E 89 -21.09 6.48 -47.92
N ASP E 90 -20.99 7.70 -47.41
CA ASP E 90 -21.20 7.95 -45.99
C ASP E 90 -22.67 7.86 -45.58
N THR E 91 -23.60 7.84 -46.53
CA THR E 91 -25.02 7.67 -46.20
C THR E 91 -25.26 6.30 -45.59
N ALA E 92 -25.81 6.29 -44.37
CA ALA E 92 -25.98 5.04 -43.63
C ALA E 92 -26.74 5.35 -42.33
N MET E 93 -27.00 4.28 -41.58
CA MET E 93 -27.53 4.41 -40.23
C MET E 93 -26.39 4.19 -39.24
N TYR E 94 -26.19 5.14 -38.35
CA TYR E 94 -25.08 5.12 -37.41
C TYR E 94 -25.56 4.71 -36.03
N TYR E 95 -24.77 3.87 -35.36
CA TYR E 95 -25.10 3.34 -34.05
C TYR E 95 -23.97 3.66 -33.08
N CYS E 96 -24.36 3.90 -31.83
CA CYS E 96 -23.47 4.32 -30.76
C CYS E 96 -23.45 3.22 -29.71
N VAL E 97 -22.34 2.49 -29.63
CA VAL E 97 -22.23 1.27 -28.84
C VAL E 97 -21.29 1.51 -27.66
N ARG E 98 -21.66 1.00 -26.49
CA ARG E 98 -20.73 1.06 -25.37
C ARG E 98 -19.87 -0.20 -25.33
N SER E 99 -18.75 -0.09 -24.65
CA SER E 99 -17.79 -1.19 -24.58
C SER E 99 -16.88 -0.96 -23.38
N ILE E 100 -16.96 -1.83 -22.38
CA ILE E 100 -16.12 -1.73 -21.20
C ILE E 100 -15.21 -2.95 -21.16
N TYR E 101 -13.92 -2.71 -20.93
CA TYR E 101 -12.90 -3.73 -21.09
C TYR E 101 -12.22 -4.01 -19.75
N TYR E 102 -12.52 -5.16 -19.18
CA TYR E 102 -11.77 -5.74 -18.08
C TYR E 102 -11.92 -7.24 -18.20
N TYR E 103 -11.32 -7.98 -17.27
CA TYR E 103 -11.34 -9.44 -17.38
C TYR E 103 -12.77 -9.94 -17.19
N GLY E 104 -13.36 -10.46 -18.26
CA GLY E 104 -14.67 -11.06 -18.19
C GLY E 104 -15.83 -10.19 -18.64
N SER E 105 -15.58 -8.92 -18.94
CA SER E 105 -16.64 -8.02 -19.37
C SER E 105 -17.15 -8.40 -20.75
N SER E 106 -18.40 -8.02 -21.02
CA SER E 106 -19.04 -8.19 -22.33
C SER E 106 -19.01 -6.83 -23.01
N PRO E 107 -18.08 -6.60 -23.92
CA PRO E 107 -17.85 -5.23 -24.41
C PRO E 107 -18.71 -4.82 -25.59
N PHE E 108 -19.78 -5.53 -25.90
CA PHE E 108 -20.67 -5.10 -26.97
C PHE E 108 -22.12 -5.31 -26.55
N ASP E 109 -22.39 -5.10 -25.27
CA ASP E 109 -23.69 -5.43 -24.68
C ASP E 109 -24.82 -4.58 -25.23
N PHE E 110 -24.73 -3.26 -25.06
CA PHE E 110 -25.83 -2.36 -25.37
C PHE E 110 -25.50 -1.53 -26.60
N TRP E 111 -26.45 -1.46 -27.53
CA TRP E 111 -26.34 -0.65 -28.73
C TRP E 111 -27.38 0.47 -28.68
N GLY E 112 -27.06 1.58 -29.33
CA GLY E 112 -28.00 2.67 -29.44
C GLY E 112 -29.07 2.41 -30.49
N GLN E 113 -30.05 3.32 -30.52
CA GLN E 113 -31.12 3.22 -31.51
C GLN E 113 -30.68 3.62 -32.91
N GLY E 114 -29.60 4.40 -33.04
CA GLY E 114 -29.08 4.78 -34.34
C GLY E 114 -29.76 6.00 -34.94
N THR E 115 -29.07 6.68 -35.86
CA THR E 115 -29.62 7.82 -36.57
C THR E 115 -29.25 7.70 -38.05
N THR E 116 -30.16 8.13 -38.92
CA THR E 116 -30.00 7.95 -40.35
C THR E 116 -29.39 9.19 -40.98
N LEU E 117 -28.58 8.98 -42.02
CA LEU E 117 -27.95 10.07 -42.75
C LEU E 117 -27.95 9.75 -44.24
N THR E 118 -28.46 10.69 -45.04
CA THR E 118 -28.58 10.52 -46.47
C THR E 118 -27.80 11.64 -47.17
N VAL E 119 -26.86 11.26 -48.02
CA VAL E 119 -26.08 12.18 -48.83
C VAL E 119 -26.49 12.00 -50.29
N SER E 120 -26.88 13.09 -50.94
CA SER E 120 -27.34 13.01 -52.32
C SER E 120 -26.18 12.70 -53.26
N SER E 121 -26.52 12.13 -54.40
CA SER E 121 -25.52 11.77 -55.40
C SER E 121 -25.32 12.89 -56.42
N SER E 136 -3.78 -7.54 -44.75
CA SER E 136 -3.89 -6.50 -43.72
C SER E 136 -5.10 -6.73 -42.84
N ASP E 137 -6.20 -6.06 -43.15
CA ASP E 137 -7.42 -6.22 -42.38
C ASP E 137 -7.99 -7.63 -42.54
N ILE E 138 -8.48 -8.17 -41.45
CA ILE E 138 -9.03 -9.53 -41.44
C ILE E 138 -10.35 -9.53 -42.19
N VAL E 139 -10.58 -10.57 -42.99
CA VAL E 139 -11.78 -10.70 -43.80
C VAL E 139 -12.69 -11.75 -43.16
N MET E 140 -13.92 -11.35 -42.83
CA MET E 140 -14.93 -12.25 -42.32
C MET E 140 -16.02 -12.40 -43.37
N THR E 141 -16.24 -13.63 -43.82
CA THR E 141 -17.25 -13.90 -44.84
C THR E 141 -18.30 -14.86 -44.29
N GLN E 142 -19.56 -14.53 -44.51
CA GLN E 142 -20.69 -15.36 -44.11
C GLN E 142 -21.19 -16.15 -45.31
N ALA E 143 -21.64 -17.38 -45.05
CA ALA E 143 -21.93 -18.33 -46.12
C ALA E 143 -23.01 -17.83 -47.07
N THR E 144 -24.16 -17.43 -46.56
CA THR E 144 -25.29 -17.04 -47.41
C THR E 144 -25.81 -15.69 -46.93
N SER E 145 -26.95 -15.28 -47.50
CA SER E 145 -27.60 -14.04 -47.10
C SER E 145 -29.08 -14.19 -46.82
N SER E 146 -29.68 -15.36 -47.06
CA SER E 146 -31.10 -15.56 -46.79
C SER E 146 -31.35 -17.04 -46.60
N VAL E 147 -31.88 -17.42 -45.44
CA VAL E 147 -32.18 -18.81 -45.13
C VAL E 147 -33.60 -18.90 -44.57
N PRO E 148 -34.53 -19.54 -45.28
CA PRO E 148 -35.88 -19.72 -44.74
C PRO E 148 -35.97 -20.93 -43.82
N VAL E 149 -36.78 -20.77 -42.76
CA VAL E 149 -36.96 -21.84 -41.78
C VAL E 149 -38.25 -21.57 -41.03
N THR E 150 -38.81 -22.61 -40.42
CA THR E 150 -40.04 -22.58 -39.64
C THR E 150 -39.73 -22.62 -38.15
N PRO E 151 -40.64 -22.13 -37.31
CA PRO E 151 -40.38 -22.16 -35.86
C PRO E 151 -40.26 -23.58 -35.33
N GLY E 152 -39.44 -23.73 -34.29
CA GLY E 152 -39.20 -25.01 -33.67
C GLY E 152 -38.09 -25.84 -34.26
N GLU E 153 -37.44 -25.35 -35.31
CA GLU E 153 -36.36 -26.07 -35.98
C GLU E 153 -35.03 -25.40 -35.67
N SER E 154 -34.04 -26.19 -35.25
CA SER E 154 -32.72 -25.66 -34.94
C SER E 154 -32.04 -25.19 -36.22
N VAL E 155 -31.44 -24.00 -36.16
CA VAL E 155 -30.77 -23.40 -37.30
C VAL E 155 -29.31 -23.12 -36.92
N SER E 156 -28.40 -23.53 -37.80
CA SER E 156 -26.98 -23.30 -37.60
C SER E 156 -26.47 -22.37 -38.70
N ILE E 157 -25.89 -21.24 -38.31
CA ILE E 157 -25.29 -20.28 -39.23
C ILE E 157 -23.78 -20.38 -39.06
N SER E 158 -23.05 -20.18 -40.16
CA SER E 158 -21.60 -20.30 -40.12
C SER E 158 -20.96 -19.14 -40.85
N CYS E 159 -19.76 -18.78 -40.40
CA CYS E 159 -18.93 -17.81 -41.11
C CYS E 159 -17.47 -18.10 -40.85
N ARG E 160 -16.61 -17.59 -41.74
CA ARG E 160 -15.19 -17.90 -41.69
C ARG E 160 -14.37 -16.61 -41.68
N SER E 161 -13.19 -16.71 -41.08
CA SER E 161 -12.23 -15.61 -40.98
C SER E 161 -10.96 -15.99 -41.73
N SER E 162 -10.15 -14.96 -42.03
CA SER E 162 -8.87 -15.20 -42.67
C SER E 162 -7.83 -15.66 -41.65
N LYS E 163 -7.54 -14.84 -40.66
CA LYS E 163 -6.62 -15.20 -39.59
C LYS E 163 -7.31 -16.09 -38.56
N SER E 164 -6.50 -16.77 -37.75
CA SER E 164 -7.01 -17.51 -36.61
C SER E 164 -7.26 -16.53 -35.48
N LEU E 165 -8.53 -16.33 -35.12
CA LEU E 165 -8.87 -15.34 -34.11
C LEU E 165 -8.44 -15.79 -32.71
N LEU E 166 -8.11 -17.06 -32.53
CA LEU E 166 -7.66 -17.56 -31.23
C LEU E 166 -6.33 -16.91 -30.88
N HIS E 167 -6.35 -15.97 -29.95
CA HIS E 167 -5.16 -15.29 -29.50
C HIS E 167 -4.38 -16.18 -28.52
N SER E 168 -3.15 -15.79 -28.21
CA SER E 168 -2.34 -16.52 -27.24
C SER E 168 -2.95 -16.52 -25.84
N ASN E 169 -3.88 -15.60 -25.56
CA ASN E 169 -4.55 -15.61 -24.26
C ASN E 169 -5.42 -16.84 -24.07
N GLY E 170 -5.83 -17.47 -25.18
CA GLY E 170 -6.83 -18.52 -25.16
C GLY E 170 -8.20 -18.05 -25.56
N ASN E 171 -8.40 -16.74 -25.67
CA ASN E 171 -9.70 -16.19 -26.02
C ASN E 171 -9.79 -15.97 -27.52
N THR E 172 -10.95 -16.28 -28.09
CA THR E 172 -11.21 -16.10 -29.51
C THR E 172 -12.22 -14.95 -29.66
N TYR E 173 -11.75 -13.82 -30.19
CA TYR E 173 -12.53 -12.58 -30.21
C TYR E 173 -13.53 -12.61 -31.36
N LEU E 174 -14.58 -13.40 -31.17
CA LEU E 174 -15.68 -13.49 -32.11
C LEU E 174 -16.97 -13.02 -31.44
N TYR E 175 -17.74 -12.20 -32.15
CA TYR E 175 -18.97 -11.62 -31.63
C TYR E 175 -20.12 -11.95 -32.57
N TRP E 176 -21.22 -12.42 -32.01
CA TRP E 176 -22.44 -12.71 -32.74
C TRP E 176 -23.52 -11.74 -32.28
N PHE E 177 -24.03 -10.95 -33.22
CA PHE E 177 -25.10 -9.98 -33.02
C PHE E 177 -26.33 -10.37 -33.83
N LEU E 178 -27.49 -9.88 -33.38
CA LEU E 178 -28.74 -10.04 -34.10
C LEU E 178 -29.41 -8.68 -34.28
N GLN E 179 -29.98 -8.45 -35.46
CA GLN E 179 -30.76 -7.25 -35.73
C GLN E 179 -32.12 -7.70 -36.26
N ARG E 180 -33.15 -7.52 -35.44
CA ARG E 180 -34.51 -7.82 -35.86
C ARG E 180 -35.01 -6.73 -36.82
N PRO E 181 -35.98 -7.06 -37.67
CA PRO E 181 -36.47 -6.06 -38.64
C PRO E 181 -37.04 -4.84 -37.94
N GLY E 182 -36.43 -3.69 -38.19
CA GLY E 182 -36.84 -2.44 -37.59
C GLY E 182 -36.21 -2.12 -36.25
N GLN E 183 -35.38 -3.01 -35.71
CA GLN E 183 -34.74 -2.83 -34.42
C GLN E 183 -33.24 -2.60 -34.59
N SER E 184 -32.59 -2.29 -33.47
CA SER E 184 -31.15 -2.10 -33.40
C SER E 184 -30.44 -3.43 -33.15
N PRO E 185 -29.15 -3.52 -33.48
CA PRO E 185 -28.40 -4.74 -33.19
C PRO E 185 -28.37 -5.04 -31.69
N GLN E 186 -28.35 -6.33 -31.37
CA GLN E 186 -28.34 -6.80 -30.00
C GLN E 186 -27.27 -7.88 -29.87
N LEU E 187 -26.48 -7.81 -28.82
CA LEU E 187 -25.41 -8.78 -28.63
C LEU E 187 -25.97 -10.12 -28.20
N LEU E 188 -25.45 -11.19 -28.78
CA LEU E 188 -25.77 -12.56 -28.38
C LEU E 188 -24.56 -13.31 -27.84
N ILE E 189 -23.43 -13.24 -28.52
CA ILE E 189 -22.21 -13.92 -28.09
C ILE E 189 -21.06 -12.94 -28.19
N TYR E 190 -20.16 -12.93 -27.19
CA TYR E 190 -19.06 -11.97 -27.25
C TYR E 190 -17.67 -12.56 -27.41
N ARG E 191 -17.40 -13.81 -27.00
CA ARG E 191 -16.18 -14.48 -27.46
C ARG E 191 -16.47 -15.75 -28.26
N MET E 192 -17.00 -16.81 -27.65
CA MET E 192 -17.35 -17.99 -28.42
C MET E 192 -18.70 -18.58 -28.05
N SER E 193 -18.97 -18.66 -26.75
CA SER E 193 -20.21 -19.25 -26.25
C SER E 193 -20.72 -18.51 -25.03
N ASN E 194 -20.24 -17.29 -24.81
CA ASN E 194 -20.57 -16.51 -23.63
C ASN E 194 -21.81 -15.69 -23.96
N LEU E 195 -22.95 -16.11 -23.42
CA LEU E 195 -24.21 -15.44 -23.68
C LEU E 195 -24.23 -14.05 -23.06
N ALA E 196 -24.86 -13.12 -23.75
CA ALA E 196 -24.98 -11.75 -23.26
C ALA E 196 -26.03 -11.68 -22.17
N SER E 197 -26.27 -10.48 -21.65
CA SER E 197 -27.23 -10.27 -20.56
C SER E 197 -28.62 -10.14 -21.15
N GLY E 198 -29.55 -10.96 -20.66
CA GLY E 198 -30.92 -10.89 -21.13
C GLY E 198 -31.22 -11.69 -22.38
N VAL E 199 -30.28 -12.50 -22.85
CA VAL E 199 -30.49 -13.33 -24.04
C VAL E 199 -30.93 -14.72 -23.60
N PRO E 200 -31.99 -15.28 -24.19
CA PRO E 200 -32.42 -16.63 -23.79
C PRO E 200 -31.34 -17.67 -24.06
N ASP E 201 -31.35 -18.72 -23.23
CA ASP E 201 -30.31 -19.73 -23.22
C ASP E 201 -30.41 -20.72 -24.39
N ARG E 202 -31.30 -20.49 -25.35
CA ARG E 202 -31.39 -21.39 -26.50
C ARG E 202 -30.25 -21.19 -27.49
N PHE E 203 -29.70 -19.98 -27.57
CA PHE E 203 -28.59 -19.73 -28.48
C PHE E 203 -27.29 -20.29 -27.92
N SER E 204 -26.40 -20.70 -28.83
CA SER E 204 -25.07 -21.15 -28.44
C SER E 204 -24.12 -20.91 -29.60
N GLY E 205 -22.83 -20.89 -29.30
CA GLY E 205 -21.82 -20.65 -30.30
C GLY E 205 -20.61 -21.55 -30.10
N SER E 206 -19.96 -21.87 -31.22
CA SER E 206 -18.75 -22.69 -31.18
C SER E 206 -17.98 -22.47 -32.48
N GLY E 207 -16.89 -23.22 -32.62
CA GLY E 207 -16.04 -23.15 -33.79
C GLY E 207 -14.59 -23.37 -33.43
N SER E 208 -13.74 -23.09 -34.41
CA SER E 208 -12.31 -23.29 -34.25
C SER E 208 -11.55 -22.33 -35.16
N GLY E 209 -10.77 -21.44 -34.55
CA GLY E 209 -9.73 -20.72 -35.25
C GLY E 209 -10.27 -19.72 -36.25
N THR E 210 -10.85 -20.25 -37.32
CA THR E 210 -11.41 -19.45 -38.39
C THR E 210 -12.85 -19.80 -38.75
N ALA E 211 -13.28 -21.04 -38.55
CA ALA E 211 -14.62 -21.46 -38.94
C ALA E 211 -15.51 -21.45 -37.70
N PHE E 212 -16.63 -20.73 -37.76
CA PHE E 212 -17.41 -20.44 -36.57
C PHE E 212 -18.88 -20.69 -36.87
N THR E 213 -19.60 -21.24 -35.89
CA THR E 213 -21.01 -21.59 -36.05
C THR E 213 -21.80 -21.09 -34.86
N LEU E 214 -22.95 -20.48 -35.15
CA LEU E 214 -23.94 -20.06 -34.17
C LEU E 214 -25.16 -20.96 -34.34
N THR E 215 -25.53 -21.66 -33.26
CA THR E 215 -26.63 -22.61 -33.28
C THR E 215 -27.80 -22.10 -32.46
N ILE E 216 -29.00 -22.28 -32.98
CA ILE E 216 -30.24 -21.83 -32.34
C ILE E 216 -31.16 -23.04 -32.25
N SER E 217 -31.46 -23.48 -31.03
CA SER E 217 -32.40 -24.56 -30.81
C SER E 217 -33.75 -24.01 -30.35
N ARG E 218 -34.82 -24.69 -30.74
CA ARG E 218 -36.18 -24.31 -30.37
C ARG E 218 -36.47 -22.86 -30.78
N LEU E 219 -36.43 -22.62 -32.09
CA LEU E 219 -36.53 -21.26 -32.62
C LEU E 219 -37.97 -20.76 -32.54
N GLU E 220 -38.14 -19.55 -32.00
CA GLU E 220 -39.45 -18.91 -31.92
C GLU E 220 -39.58 -17.83 -32.99
N ALA E 221 -40.77 -17.23 -33.06
CA ALA E 221 -41.07 -16.28 -34.12
C ALA E 221 -40.27 -14.99 -33.99
N GLU E 222 -39.86 -14.64 -32.77
CA GLU E 222 -39.13 -13.40 -32.55
C GLU E 222 -37.63 -13.54 -32.79
N ASP E 223 -37.15 -14.72 -33.15
CA ASP E 223 -35.73 -14.93 -33.41
C ASP E 223 -35.33 -14.61 -34.84
N VAL E 224 -36.27 -14.21 -35.69
CA VAL E 224 -35.94 -13.91 -37.07
C VAL E 224 -35.25 -12.54 -37.16
N GLY E 225 -34.47 -12.37 -38.22
CA GLY E 225 -33.69 -11.16 -38.42
C GLY E 225 -32.37 -11.43 -39.09
N VAL E 226 -31.46 -10.46 -39.06
CA VAL E 226 -30.14 -10.63 -39.68
C VAL E 226 -29.11 -10.86 -38.59
N TYR E 227 -28.40 -11.99 -38.69
CA TYR E 227 -27.30 -12.32 -37.80
C TYR E 227 -25.98 -11.84 -38.38
N TYR E 228 -25.12 -11.35 -37.51
CA TYR E 228 -23.83 -10.81 -37.91
C TYR E 228 -22.74 -11.40 -37.04
N CYS E 229 -21.61 -11.73 -37.68
CA CYS E 229 -20.42 -12.17 -36.96
C CYS E 229 -19.30 -11.18 -37.20
N MET E 230 -18.63 -10.79 -36.12
CA MET E 230 -17.62 -9.75 -36.13
C MET E 230 -16.41 -10.24 -35.36
N GLN E 231 -15.24 -9.70 -35.68
CA GLN E 231 -14.03 -10.00 -34.95
C GLN E 231 -13.49 -8.71 -34.34
N HIS E 232 -12.94 -8.81 -33.13
CA HIS E 232 -12.32 -7.61 -32.61
C HIS E 232 -10.82 -7.66 -32.87
N LEU E 233 -10.08 -8.41 -32.05
CA LEU E 233 -8.74 -8.94 -32.27
C LEU E 233 -7.69 -7.90 -32.68
N GLU E 234 -8.14 -6.76 -33.20
CA GLU E 234 -7.24 -5.84 -33.88
C GLU E 234 -8.02 -4.64 -34.41
N TYR E 235 -7.37 -3.48 -34.47
CA TYR E 235 -8.20 -2.57 -35.24
C TYR E 235 -7.66 -2.44 -36.66
N PRO E 236 -8.51 -2.24 -37.68
CA PRO E 236 -9.95 -1.99 -37.62
C PRO E 236 -10.81 -3.23 -37.35
N LEU E 237 -12.03 -3.00 -36.85
CA LEU E 237 -12.99 -4.07 -36.64
C LEU E 237 -13.80 -4.29 -37.91
N THR E 238 -13.89 -5.55 -38.32
CA THR E 238 -14.52 -5.90 -39.59
C THR E 238 -15.74 -6.77 -39.33
N PHE E 239 -16.84 -6.45 -40.00
CA PHE E 239 -18.09 -7.19 -39.87
C PHE E 239 -18.22 -8.21 -41.00
N GLY E 240 -19.10 -9.18 -40.77
CA GLY E 240 -19.44 -10.15 -41.80
C GLY E 240 -20.49 -9.64 -42.75
N ALA E 241 -20.83 -10.48 -43.71
CA ALA E 241 -21.85 -10.12 -44.70
C ALA E 241 -23.23 -9.95 -44.07
N GLY E 242 -23.60 -10.86 -43.17
CA GLY E 242 -24.90 -10.80 -42.53
C GLY E 242 -25.90 -11.78 -43.11
N THR E 243 -26.22 -12.83 -42.34
CA THR E 243 -27.15 -13.85 -42.81
C THR E 243 -28.55 -13.57 -42.29
N LYS E 244 -29.51 -13.41 -43.20
CA LYS E 244 -30.88 -13.07 -42.83
C LYS E 244 -31.71 -14.36 -42.78
N LEU E 245 -32.30 -14.62 -41.62
CA LEU E 245 -33.21 -15.75 -41.48
C LEU E 245 -34.60 -15.34 -41.94
N GLU E 246 -35.25 -16.20 -42.71
CA GLU E 246 -36.55 -15.91 -43.30
C GLU E 246 -37.61 -16.83 -42.72
N LEU E 247 -38.82 -16.31 -42.62
CA LEU E 247 -39.95 -17.09 -42.11
C LEU E 247 -41.26 -16.59 -42.69
C30 KW3 F . 46.30 23.46 -7.11
C13 KW3 F . 39.24 19.49 -14.24
C12 KW3 F . 38.94 20.65 -14.92
C25 KW3 F . 31.61 17.19 -10.55
C10 KW3 F . 39.57 21.93 -13.02
C7 KW3 F . 41.17 22.17 -10.59
C4 KW3 F . 45.40 20.19 -10.19
C3 KW3 F . 44.88 18.78 -10.36
C2 KW3 F . 46.03 18.07 -12.36
C1 KW3 F . 45.82 17.70 -13.76
O1 KW3 F . 44.81 18.41 -11.73
C5 KW3 F . 44.69 21.21 -11.04
O2 KW3 F . 43.31 21.24 -10.64
C6 KW3 F . 42.55 22.18 -11.19
O3 KW3 F . 42.94 22.94 -12.03
C8 KW3 F . 40.40 20.89 -10.87
C9 KW3 F . 39.89 20.79 -12.29
C11 KW3 F . 39.11 21.87 -14.32
C14 KW3 F . 39.70 19.55 -12.93
O4 KW3 F . 40.03 18.40 -12.23
C15 KW3 F . 39.10 17.87 -11.27
C16 KW3 F . 37.75 17.63 -11.86
C17 KW3 F . 37.51 16.53 -12.67
C18 KW3 F . 36.26 16.31 -13.21
C19 KW3 F . 35.22 17.17 -12.93
C20 KW3 F . 35.45 18.26 -12.12
O5 KW3 F . 34.44 19.15 -11.80
C21 KW3 F . 33.14 18.72 -11.54
C22 KW3 F . 32.09 19.50 -11.98
C23 KW3 F . 30.79 19.09 -11.73
C24 KW3 F . 30.55 17.94 -11.01
C26 KW3 F . 32.91 17.59 -10.80
C27 KW3 F . 36.70 18.49 -11.58
O6 KW3 F . 46.86 20.24 -10.43
P1 KW3 F . 47.90 19.88 -9.27
O7 KW3 F . 47.46 18.60 -8.60
O8 KW3 F . 49.28 19.97 -9.85
O9 KW3 F . 47.71 21.10 -8.24
C28 KW3 F . 47.99 22.44 -8.69
C29 KW3 F . 47.77 23.39 -7.52
N1 KW3 F . 48.62 22.98 -6.38
O10 KW3 F . 45.49 23.84 -7.95
O11 KW3 F . 46.03 23.13 -5.93
#